data_3K36
#
_entry.id   3K36
#
_cell.length_a   87.640
_cell.length_b   87.640
_cell.length_c   197.190
_cell.angle_alpha   90.00
_cell.angle_beta   90.00
_cell.angle_gamma   90.00
#
_symmetry.space_group_name_H-M   'I 4'
#
loop_
_entity.id
_entity.type
_entity.pdbx_description
1 polymer Neuraminidase
2 branched alpha-D-mannopyranose-(1-3)-[alpha-D-mannopyranose-(1-6)]alpha-D-mannopyranose-(1-6)-beta-D-mannopyranose-(1-4)-2-acetamido-2-deoxy-beta-D-glucopyranose-(1-4)-2-acetamido-2-deoxy-beta-D-glucopyranose
3 non-polymer 'SULFATE ION'
4 non-polymer 1,2-ETHANEDIOL
5 non-polymer GLYCEROL
6 non-polymer 'CALCIUM ION'
7 water water
#
_entity_poly.entity_id   1
_entity_poly.type   'polypeptide(L)'
_entity_poly.pdbx_seq_one_letter_code
;GVTLLLPEPEWTYPRLSCPGSTFQKALLISPHRFGETKGNSAPLIIREPFIACGPKECKHFALTHYAAQPGGYYNGTRGD
RNKLRHLISVKLGKIPTVENSIFHMAAWSGSACHDGKEWTYIGVDGPDNNALLKIKYGEAYTDTYHSYANNILRTQESAC
NCIGGNCYLMITDGSASGISECRFLKIREGRIIKEIFPTGRVKHTEECTCGFASNKTIECACRDNSYTAKRPFVKLNVET
DTAEIRLMCTETYLDTPRPDDGSITGPCESNGDKGSGGIKGGFVHQRMASKIGRWYSRTMSKTKRMGMGLYVKYDGDPWT
DSDALALSGVMVSMEEPGWYSFGFEIKDKKCDVPCIGIEMVHDGGKETWHSAATAIYCLMGSGQLLWDTVTGVDMAL
;
_entity_poly.pdbx_strand_id   A,B
#
# COMPACT_ATOMS: atom_id res chain seq x y z
N PRO A 9 -25.03 40.06 6.36
CA PRO A 9 -25.00 39.42 5.06
C PRO A 9 -26.32 38.73 4.72
N GLU A 10 -26.34 37.96 3.64
CA GLU A 10 -27.55 37.21 3.24
C GLU A 10 -27.23 35.73 2.96
N TRP A 11 -28.25 34.87 3.10
CA TRP A 11 -28.15 33.44 2.83
C TRP A 11 -27.64 33.12 1.40
N THR A 12 -26.77 32.13 1.26
CA THR A 12 -26.28 31.69 -0.04
CA THR A 12 -26.32 31.76 -0.07
C THR A 12 -27.29 30.79 -0.74
N TYR A 13 -27.29 30.83 -2.07
CA TYR A 13 -28.14 30.03 -2.94
C TYR A 13 -27.21 29.59 -4.05
N PRO A 14 -27.44 28.42 -4.69
CA PRO A 14 -26.68 28.13 -5.91
C PRO A 14 -27.09 29.06 -7.06
N ARG A 15 -26.11 29.58 -7.80
CA ARG A 15 -26.38 30.40 -8.97
C ARG A 15 -26.05 29.56 -10.16
N LEU A 16 -26.21 30.14 -11.34
CA LEU A 16 -25.79 29.52 -12.58
C LEU A 16 -24.27 29.54 -12.63
N SER A 17 -23.69 28.61 -13.37
CA SER A 17 -22.22 28.52 -13.38
C SER A 17 -21.60 29.50 -14.36
N CYS A 18 -20.38 29.92 -14.04
CA CYS A 18 -19.61 30.81 -14.87
C CYS A 18 -19.35 30.14 -16.23
N PRO A 19 -19.12 30.96 -17.27
CA PRO A 19 -18.85 30.44 -18.60
C PRO A 19 -17.59 29.57 -18.66
N GLY A 20 -17.63 28.52 -19.48
CA GLY A 20 -16.45 27.70 -19.75
C GLY A 20 -16.85 26.33 -20.21
N SER A 21 -15.89 25.56 -20.72
CA SER A 21 -16.22 24.23 -21.17
C SER A 21 -15.08 23.22 -21.02
N THR A 22 -14.03 23.60 -20.29
CA THR A 22 -13.03 22.64 -19.84
C THR A 22 -12.53 22.98 -18.47
N PHE A 23 -11.94 21.98 -17.81
CA PHE A 23 -11.21 22.20 -16.54
C PHE A 23 -9.74 22.30 -16.87
N GLN A 24 -9.03 23.10 -16.07
CA GLN A 24 -7.57 23.21 -16.11
C GLN A 24 -7.01 23.16 -14.69
N LYS A 25 -5.73 22.74 -14.62
CA LYS A 25 -4.94 22.73 -13.39
C LYS A 25 -4.88 24.12 -12.81
N ALA A 26 -5.29 24.25 -11.54
CA ALA A 26 -5.43 25.56 -10.88
C ALA A 26 -4.33 25.83 -9.87
N LEU A 27 -4.02 24.80 -9.04
CA LEU A 27 -3.35 25.01 -7.77
C LEU A 27 -2.91 23.68 -7.10
N LEU A 28 -1.64 23.57 -6.73
CA LEU A 28 -1.16 22.44 -5.92
C LEU A 28 -0.78 22.94 -4.51
N ILE A 29 -1.30 22.28 -3.46
CA ILE A 29 -0.84 22.49 -2.08
C ILE A 29 -0.06 21.23 -1.65
N SER A 30 1.26 21.27 -1.73
CA SER A 30 2.11 20.11 -1.41
C SER A 30 2.97 20.44 -0.19
N PRO A 31 2.41 20.25 1.01
CA PRO A 31 3.11 20.76 2.19
C PRO A 31 4.41 20.00 2.50
N HIS A 32 4.54 18.78 2.00
CA HIS A 32 5.71 17.97 2.32
C HIS A 32 6.92 18.25 1.43
N ARG A 33 6.73 19.14 0.46
CA ARG A 33 7.87 19.82 -0.19
C ARG A 33 8.87 20.50 0.78
N PHE A 34 8.37 20.82 1.97
CA PHE A 34 9.14 21.49 3.00
C PHE A 34 9.29 20.63 4.26
N GLY A 35 8.95 19.34 4.19
CA GLY A 35 9.08 18.45 5.33
C GLY A 35 10.45 17.76 5.51
N GLU A 36 11.55 18.30 4.95
CA GLU A 36 12.84 17.59 5.01
C GLU A 36 13.47 17.71 6.37
N THR A 37 14.23 16.66 6.70
CA THR A 37 15.14 16.62 7.85
C THR A 37 16.13 17.77 7.76
N LYS A 38 16.61 18.03 6.55
CA LYS A 38 17.52 19.15 6.39
CA LYS A 38 17.47 19.16 6.17
C LYS A 38 16.78 20.52 6.26
N GLY A 39 15.46 20.55 6.33
CA GLY A 39 14.68 21.84 6.29
C GLY A 39 14.38 22.43 7.67
N ASN A 40 13.60 23.51 7.71
CA ASN A 40 13.17 24.15 8.98
C ASN A 40 11.65 24.36 9.07
N SER A 41 10.87 23.48 8.47
CA SER A 41 9.43 23.70 8.44
C SER A 41 8.66 22.61 9.23
N ALA A 42 7.35 22.85 9.41
CA ALA A 42 6.46 21.92 10.14
C ALA A 42 5.08 21.67 9.49
N PRO A 43 5.05 21.03 8.31
CA PRO A 43 3.81 20.60 7.72
C PRO A 43 3.12 19.55 8.53
N LEU A 44 1.81 19.75 8.62
CA LEU A 44 0.95 18.92 9.43
C LEU A 44 0.70 17.65 8.66
N ILE A 45 0.69 16.54 9.39
CA ILE A 45 0.42 15.22 8.82
C ILE A 45 -1.11 15.09 8.77
N ILE A 46 -1.66 15.02 7.55
CA ILE A 46 -3.10 14.98 7.30
C ILE A 46 -3.50 13.82 6.36
N ARG A 47 -4.81 13.63 6.28
CA ARG A 47 -5.44 12.90 5.19
C ARG A 47 -6.88 13.41 5.08
N GLU A 48 -7.63 12.90 4.13
CA GLU A 48 -8.99 13.41 3.83
C GLU A 48 -9.08 14.95 3.80
N PRO A 49 -8.32 15.59 2.88
CA PRO A 49 -8.44 17.02 2.64
C PRO A 49 -9.69 17.34 1.83
N PHE A 50 -10.19 18.55 1.96
CA PHE A 50 -11.31 19.01 1.17
C PHE A 50 -11.38 20.53 1.22
N ILE A 51 -12.16 21.14 0.34
CA ILE A 51 -12.23 22.59 0.25
C ILE A 51 -13.70 23.03 0.27
N ALA A 52 -13.93 24.20 0.85
CA ALA A 52 -15.27 24.76 0.92
C ALA A 52 -15.09 26.26 0.89
N CYS A 53 -15.99 26.91 0.17
CA CYS A 53 -15.86 28.33 -0.12
C CYS A 53 -17.08 29.09 0.38
N GLY A 54 -16.84 30.27 0.93
CA GLY A 54 -17.91 31.21 1.27
C GLY A 54 -17.89 32.43 0.37
N PRO A 55 -18.78 33.40 0.63
CA PRO A 55 -18.88 34.59 -0.24
C PRO A 55 -17.56 35.38 -0.38
N LYS A 56 -16.69 35.35 0.63
CA LYS A 56 -15.42 36.08 0.56
C LYS A 56 -14.13 35.21 0.51
N GLU A 57 -14.16 33.98 1.01
CA GLU A 57 -12.93 33.20 1.20
C GLU A 57 -13.17 31.73 0.93
N CYS A 58 -12.10 31.02 0.57
CA CYS A 58 -12.12 29.57 0.51
C CYS A 58 -11.22 29.02 1.61
N LYS A 59 -11.74 28.04 2.35
CA LYS A 59 -10.98 27.29 3.35
C LYS A 59 -10.59 25.88 2.87
N HIS A 60 -9.32 25.52 3.07
CA HIS A 60 -8.77 24.18 2.82
C HIS A 60 -8.71 23.37 4.12
N PHE A 61 -9.60 22.36 4.24
CA PHE A 61 -9.75 21.56 5.48
C PHE A 61 -9.04 20.23 5.37
N ALA A 62 -8.77 19.60 6.50
CA ALA A 62 -8.16 18.26 6.52
C ALA A 62 -8.30 17.63 7.91
N LEU A 63 -8.00 16.34 8.03
CA LEU A 63 -8.00 15.71 9.33
C LEU A 63 -6.53 15.42 9.63
N THR A 64 -6.00 16.09 10.67
CA THR A 64 -4.64 15.90 11.07
C THR A 64 -4.48 14.79 12.09
N HIS A 65 -3.31 14.16 12.08
CA HIS A 65 -2.91 13.25 13.16
C HIS A 65 -2.23 13.97 14.36
N TYR A 66 -2.19 15.31 14.35
CA TYR A 66 -1.58 16.06 15.46
C TYR A 66 -0.06 15.77 15.55
N ALA A 67 0.57 15.68 14.38
CA ALA A 67 1.97 15.38 14.24
C ALA A 67 2.47 16.12 13.01
N ALA A 68 3.75 16.48 13.01
CA ALA A 68 4.38 17.18 11.92
C ALA A 68 5.47 16.31 11.33
N GLN A 69 5.85 16.63 10.09
CA GLN A 69 7.07 16.15 9.47
C GLN A 69 8.02 17.33 9.25
N PRO A 70 9.28 17.20 9.69
CA PRO A 70 9.91 16.06 10.39
C PRO A 70 9.44 15.94 11.85
N GLY A 71 9.59 14.76 12.46
CA GLY A 71 9.13 14.54 13.84
C GLY A 71 9.10 13.09 14.32
N GLY A 72 8.60 12.90 15.53
CA GLY A 72 8.71 11.61 16.21
C GLY A 72 7.43 10.85 16.43
N TYR A 73 6.32 11.32 15.85
CA TYR A 73 5.01 10.69 16.06
C TYR A 73 4.47 10.05 14.79
N TYR A 74 5.35 9.45 14.00
CA TYR A 74 4.95 8.83 12.72
C TYR A 74 4.11 7.60 12.94
N ASN A 75 4.32 6.93 14.06
CA ASN A 75 3.62 5.68 14.31
C ASN A 75 2.13 5.95 14.57
N GLY A 76 1.25 5.18 13.88
CA GLY A 76 -0.21 5.28 13.99
C GLY A 76 -0.81 6.29 13.02
N THR A 77 0.06 6.85 12.19
CA THR A 77 -0.27 7.92 11.29
C THR A 77 -0.86 7.35 9.99
N ARG A 78 -0.89 6.03 9.89
CA ARG A 78 -1.62 5.33 8.84
C ARG A 78 -3.03 4.85 9.23
N GLY A 79 -3.40 4.88 10.49
CA GLY A 79 -4.78 4.59 10.90
C GLY A 79 -5.68 5.79 10.64
N ASP A 80 -6.98 5.57 10.75
CA ASP A 80 -8.00 6.59 10.48
C ASP A 80 -8.48 7.23 11.79
N ARG A 81 -8.70 6.36 12.79
CA ARG A 81 -9.41 6.74 14.02
C ARG A 81 -8.49 6.65 15.23
N ASN A 82 -8.44 7.74 15.96
CA ASN A 82 -7.77 7.81 17.27
C ASN A 82 -8.20 9.08 17.97
N LYS A 83 -7.86 9.16 19.26
CA LYS A 83 -8.31 10.26 20.13
C LYS A 83 -7.58 11.60 19.93
N LEU A 84 -6.61 11.67 19.00
CA LEU A 84 -5.85 12.90 18.69
C LEU A 84 -6.22 13.55 17.39
N ARG A 85 -6.85 12.77 16.52
CA ARG A 85 -7.28 13.23 15.22
C ARG A 85 -8.15 14.50 15.34
N HIS A 86 -7.95 15.44 14.41
CA HIS A 86 -8.65 16.73 14.46
C HIS A 86 -8.96 17.29 13.09
N LEU A 87 -10.09 18.02 12.99
CA LEU A 87 -10.42 18.84 11.82
C LEU A 87 -9.65 20.17 11.93
N ILE A 88 -8.88 20.49 10.89
CA ILE A 88 -8.05 21.69 10.82
C ILE A 88 -8.27 22.40 9.47
N SER A 89 -7.92 23.68 9.42
CA SER A 89 -8.11 24.45 8.20
C SER A 89 -7.13 25.59 8.09
N VAL A 90 -6.80 25.93 6.86
CA VAL A 90 -6.05 27.15 6.55
C VAL A 90 -6.87 27.84 5.45
N LYS A 91 -6.70 29.14 5.28
CA LYS A 91 -7.13 29.78 4.04
C LYS A 91 -6.47 29.05 2.87
N LEU A 92 -7.28 28.69 1.87
CA LEU A 92 -6.79 28.02 0.67
C LEU A 92 -5.73 28.89 0.00
N GLY A 93 -4.55 28.30 -0.19
CA GLY A 93 -3.41 29.00 -0.72
C GLY A 93 -2.31 29.03 0.31
N LYS A 94 -2.63 28.77 1.57
CA LYS A 94 -1.62 28.71 2.62
C LYS A 94 -1.22 27.29 2.84
N ILE A 95 0.05 27.07 3.13
CA ILE A 95 0.52 25.75 3.46
C ILE A 95 -0.01 25.38 4.86
N PRO A 96 -0.66 24.19 5.01
CA PRO A 96 -1.14 23.75 6.35
C PRO A 96 -0.05 23.26 7.32
N THR A 97 0.51 24.21 8.06
CA THR A 97 1.58 23.92 9.02
C THR A 97 1.06 24.01 10.43
N VAL A 98 1.91 23.62 11.37
CA VAL A 98 1.64 23.72 12.79
C VAL A 98 1.11 25.09 13.15
N GLU A 99 1.72 26.14 12.60
CA GLU A 99 1.41 27.53 12.94
C GLU A 99 0.33 28.18 12.10
N ASN A 100 0.27 27.81 10.83
CA ASN A 100 -0.71 28.42 9.94
C ASN A 100 -2.13 27.95 10.23
N SER A 101 -2.25 26.68 10.63
CA SER A 101 -3.54 25.97 10.72
C SER A 101 -4.33 26.42 11.94
N ILE A 102 -5.66 26.34 11.88
CA ILE A 102 -6.48 26.51 13.08
C ILE A 102 -7.18 25.17 13.33
N PHE A 103 -7.26 24.77 14.59
CA PHE A 103 -7.86 23.49 14.98
C PHE A 103 -9.31 23.75 15.37
N HIS A 104 -10.23 23.05 14.72
CA HIS A 104 -11.67 23.35 14.89
C HIS A 104 -12.29 22.43 15.93
N MET A 105 -12.00 21.14 15.82
CA MET A 105 -12.52 20.18 16.79
C MET A 105 -11.87 18.80 16.62
N ALA A 106 -11.97 18.00 17.67
CA ALA A 106 -11.51 16.63 17.62
C ALA A 106 -12.43 15.96 16.62
N ALA A 107 -11.87 15.08 15.81
CA ALA A 107 -12.62 14.43 14.74
C ALA A 107 -11.73 13.46 13.99
N TRP A 108 -12.30 12.30 13.63
CA TRP A 108 -11.67 11.43 12.63
C TRP A 108 -12.56 11.27 11.38
N SER A 109 -13.61 12.11 11.28
CA SER A 109 -14.43 12.27 10.06
C SER A 109 -15.10 13.64 10.05
N GLY A 110 -15.16 14.25 8.88
CA GLY A 110 -15.31 15.71 8.75
C GLY A 110 -16.14 16.22 7.58
N SER A 111 -16.72 17.40 7.77
CA SER A 111 -17.38 18.19 6.74
C SER A 111 -17.37 19.64 7.19
N ALA A 112 -17.62 20.56 6.27
CA ALA A 112 -17.85 21.96 6.65
C ALA A 112 -18.48 22.73 5.49
N CYS A 113 -19.26 23.77 5.82
CA CYS A 113 -19.85 24.68 4.80
C CYS A 113 -20.20 26.08 5.33
N HIS A 114 -20.38 27.02 4.41
CA HIS A 114 -20.75 28.39 4.74
C HIS A 114 -22.12 28.72 4.15
N ASP A 115 -23.05 29.20 5.00
CA ASP A 115 -24.42 29.45 4.59
C ASP A 115 -24.70 30.84 4.01
N GLY A 116 -23.65 31.64 3.86
CA GLY A 116 -23.78 33.06 3.52
C GLY A 116 -23.50 33.98 4.70
N LYS A 117 -23.76 33.49 5.92
CA LYS A 117 -23.53 34.29 7.13
C LYS A 117 -22.37 33.78 7.97
N GLU A 118 -22.25 32.47 8.07
CA GLU A 118 -21.32 31.87 8.99
C GLU A 118 -20.89 30.46 8.56
N TRP A 119 -19.77 30.00 9.11
CA TRP A 119 -19.26 28.64 8.85
C TRP A 119 -19.90 27.63 9.77
N THR A 120 -20.23 26.46 9.23
CA THR A 120 -20.67 25.31 10.01
C THR A 120 -19.54 24.29 9.90
N TYR A 121 -19.09 23.73 11.03
CA TYR A 121 -17.98 22.75 11.04
C TYR A 121 -18.51 21.49 11.67
N ILE A 122 -18.29 20.36 11.00
CA ILE A 122 -18.82 19.07 11.46
C ILE A 122 -17.67 18.08 11.71
N GLY A 123 -17.74 17.37 12.82
CA GLY A 123 -16.69 16.40 13.17
C GLY A 123 -17.24 15.24 13.95
N VAL A 124 -16.89 14.03 13.51
CA VAL A 124 -17.32 12.83 14.19
C VAL A 124 -16.16 12.27 15.01
N ASP A 125 -16.51 11.94 16.24
CA ASP A 125 -15.58 11.57 17.26
C ASP A 125 -16.12 10.36 17.99
N GLY A 126 -15.28 9.79 18.85
CA GLY A 126 -15.71 8.80 19.81
C GLY A 126 -15.31 7.38 19.44
N PRO A 127 -15.76 6.41 20.26
CA PRO A 127 -15.53 4.99 20.08
C PRO A 127 -16.28 4.44 18.89
N ASP A 128 -15.73 3.36 18.33
CA ASP A 128 -16.27 2.75 17.13
C ASP A 128 -17.72 2.34 17.24
N ASN A 129 -18.11 1.82 18.41
CA ASN A 129 -19.49 1.35 18.62
C ASN A 129 -20.50 2.40 19.09
N ASN A 130 -20.02 3.58 19.43
CA ASN A 130 -20.88 4.66 19.93
C ASN A 130 -20.22 6.02 19.66
N ALA A 131 -20.02 6.29 18.37
CA ALA A 131 -19.41 7.51 17.92
C ALA A 131 -20.45 8.63 17.77
N LEU A 132 -19.96 9.84 17.56
CA LEU A 132 -20.74 11.06 17.80
C LEU A 132 -20.42 12.17 16.81
N LEU A 133 -21.45 12.61 16.09
CA LEU A 133 -21.34 13.73 15.16
C LEU A 133 -21.57 15.02 15.94
N LYS A 134 -20.66 15.98 15.75
CA LYS A 134 -20.61 17.21 16.53
C LYS A 134 -20.63 18.36 15.55
N ILE A 135 -21.41 19.41 15.87
CA ILE A 135 -21.62 20.58 15.00
C ILE A 135 -21.17 21.85 15.74
N LYS A 136 -20.29 22.62 15.09
CA LYS A 136 -19.83 23.93 15.54
C LYS A 136 -20.39 24.97 14.53
N TYR A 137 -21.17 25.95 14.99
CA TYR A 137 -21.57 27.11 14.14
C TYR A 137 -20.78 28.34 14.59
N GLY A 138 -19.82 28.77 13.76
CA GLY A 138 -18.83 29.79 14.16
C GLY A 138 -17.91 29.30 15.28
N GLU A 139 -17.86 30.05 16.38
CA GLU A 139 -17.16 29.59 17.59
C GLU A 139 -17.97 28.59 18.44
N ALA A 140 -19.32 28.62 18.35
CA ALA A 140 -20.16 27.87 19.29
C ALA A 140 -20.40 26.41 18.89
N TYR A 141 -20.15 25.47 19.79
CA TYR A 141 -20.60 24.09 19.58
C TYR A 141 -22.10 24.13 19.86
N THR A 142 -22.90 23.59 18.94
CA THR A 142 -24.32 23.88 18.96
CA THR A 142 -24.34 23.87 18.92
C THR A 142 -25.25 22.65 18.91
N ASP A 143 -24.73 21.50 18.49
CA ASP A 143 -25.50 20.26 18.46
C ASP A 143 -24.68 18.96 18.24
N THR A 144 -25.33 17.80 18.40
CA THR A 144 -24.75 16.52 18.02
C THR A 144 -25.79 15.54 17.49
N TYR A 145 -25.26 14.40 17.04
CA TYR A 145 -26.09 13.32 16.51
C TYR A 145 -25.45 11.97 16.81
N HIS A 146 -26.28 11.05 17.33
CA HIS A 146 -25.79 9.79 17.85
C HIS A 146 -25.79 8.68 16.80
N SER A 147 -24.80 7.79 16.95
CA SER A 147 -24.62 6.59 16.15
C SER A 147 -25.88 5.76 16.23
N TYR A 148 -26.41 5.35 15.08
CA TYR A 148 -27.70 4.63 14.99
C TYR A 148 -27.56 3.20 14.55
N ALA A 149 -26.33 2.79 14.20
CA ALA A 149 -26.03 1.42 13.85
C ALA A 149 -24.82 0.95 14.60
N ASN A 150 -24.29 1.80 15.47
CA ASN A 150 -23.22 1.37 16.37
C ASN A 150 -22.04 0.71 15.65
N ASN A 151 -21.69 1.24 14.47
CA ASN A 151 -20.54 0.75 13.72
C ASN A 151 -19.92 1.84 12.85
N ILE A 152 -19.25 2.78 13.52
CA ILE A 152 -18.34 3.77 12.93
C ILE A 152 -19.20 4.80 12.21
N LEU A 153 -20.04 5.50 12.97
CA LEU A 153 -20.79 6.61 12.40
C LEU A 153 -19.80 7.57 11.72
N ARG A 154 -20.23 8.08 10.58
CA ARG A 154 -19.32 8.66 9.60
C ARG A 154 -19.99 9.76 8.79
N THR A 155 -19.21 10.65 8.20
CA THR A 155 -19.76 11.68 7.30
C THR A 155 -18.90 11.78 6.06
N GLN A 156 -19.04 12.89 5.33
CA GLN A 156 -18.69 12.97 3.93
C GLN A 156 -17.22 13.13 3.61
N GLU A 157 -16.45 13.80 4.47
CA GLU A 157 -15.08 14.31 4.16
CA GLU A 157 -15.07 14.23 4.13
C GLU A 157 -15.05 15.20 2.93
N SER A 158 -16.14 15.98 2.79
CA SER A 158 -16.22 17.06 1.83
C SER A 158 -17.33 18.05 2.23
N ALA A 159 -17.43 19.15 1.51
CA ALA A 159 -18.28 20.28 1.88
C ALA A 159 -19.74 19.88 1.99
N CYS A 160 -20.43 20.43 2.98
CA CYS A 160 -21.88 20.34 3.03
C CYS A 160 -22.42 21.47 2.14
N ASN A 161 -23.74 21.52 1.97
CA ASN A 161 -24.35 22.44 1.00
C ASN A 161 -25.54 23.19 1.59
N CYS A 162 -25.47 24.51 1.59
CA CYS A 162 -26.49 25.32 2.23
C CYS A 162 -27.31 26.07 1.23
N ILE A 163 -28.57 26.29 1.55
CA ILE A 163 -29.45 27.12 0.72
C ILE A 163 -30.52 27.78 1.57
N GLY A 164 -30.74 29.07 1.35
CA GLY A 164 -31.64 29.86 2.19
C GLY A 164 -31.43 29.65 3.68
N GLY A 165 -30.24 29.14 4.06
CA GLY A 165 -29.90 28.86 5.46
C GLY A 165 -29.97 27.42 5.93
N ASN A 166 -30.45 26.50 5.11
CA ASN A 166 -30.51 25.10 5.50
C ASN A 166 -29.32 24.39 4.89
N CYS A 167 -28.46 23.80 5.71
CA CYS A 167 -27.28 23.07 5.21
C CYS A 167 -27.47 21.57 5.26
N TYR A 168 -27.19 20.90 4.14
CA TYR A 168 -27.53 19.49 4.02
C TYR A 168 -26.28 18.60 4.06
N LEU A 169 -26.41 17.49 4.75
CA LEU A 169 -25.25 16.67 5.07
C LEU A 169 -25.62 15.19 5.09
N MET A 170 -24.86 14.38 4.36
CA MET A 170 -24.91 12.91 4.47
C MET A 170 -24.11 12.45 5.69
N ILE A 171 -24.69 11.45 6.35
CA ILE A 171 -23.98 10.63 7.32
C ILE A 171 -24.30 9.17 7.02
N THR A 172 -23.46 8.30 7.58
CA THR A 172 -23.67 6.87 7.44
C THR A 172 -23.10 6.10 8.64
N ASP A 173 -23.63 4.90 8.85
CA ASP A 173 -23.31 4.14 10.01
C ASP A 173 -23.46 2.68 9.60
N GLY A 174 -22.47 1.85 9.93
CA GLY A 174 -22.53 0.43 9.55
C GLY A 174 -21.18 -0.14 9.20
N SER A 175 -21.15 -1.43 8.93
CA SER A 175 -19.91 -2.13 8.61
C SER A 175 -19.36 -1.66 7.28
N ALA A 176 -18.07 -1.38 7.29
CA ALA A 176 -17.35 -1.04 6.06
C ALA A 176 -17.46 -2.19 5.05
N SER A 177 -17.74 -3.41 5.53
CA SER A 177 -17.82 -4.61 4.68
C SER A 177 -19.21 -5.14 4.44
N GLY A 178 -20.23 -4.45 4.93
CA GLY A 178 -21.60 -4.91 4.84
C GLY A 178 -22.53 -3.73 4.66
N ILE A 179 -23.63 -3.70 5.40
CA ILE A 179 -24.66 -2.65 5.27
C ILE A 179 -24.21 -1.36 5.94
N SER A 180 -24.28 -0.24 5.21
CA SER A 180 -24.11 1.08 5.79
C SER A 180 -25.15 2.06 5.21
N GLU A 181 -26.35 2.03 5.78
CA GLU A 181 -27.48 2.83 5.30
C GLU A 181 -27.34 4.25 5.77
N CYS A 182 -27.06 5.15 4.83
CA CYS A 182 -26.86 6.54 5.16
C CYS A 182 -28.21 7.27 5.41
N ARG A 183 -28.13 8.42 6.09
CA ARG A 183 -29.22 9.39 6.17
C ARG A 183 -28.64 10.75 5.84
N PHE A 184 -29.54 11.72 5.74
CA PHE A 184 -29.21 13.12 5.54
C PHE A 184 -29.81 13.93 6.67
N LEU A 185 -29.07 14.95 7.08
CA LEU A 185 -29.48 15.84 8.14
C LEU A 185 -29.64 17.20 7.49
N LYS A 186 -30.57 17.98 8.02
CA LYS A 186 -30.79 19.35 7.59
C LYS A 186 -30.48 20.25 8.81
N ILE A 187 -29.47 21.11 8.65
CA ILE A 187 -28.83 21.83 9.76
C ILE A 187 -29.02 23.32 9.49
N ARG A 188 -29.41 24.06 10.51
CA ARG A 188 -29.74 25.48 10.32
C ARG A 188 -29.25 26.25 11.53
N GLU A 189 -28.42 27.25 11.26
CA GLU A 189 -27.64 27.94 12.30
C GLU A 189 -27.02 26.94 13.31
N GLY A 190 -26.61 25.78 12.78
CA GLY A 190 -25.82 24.78 13.54
C GLY A 190 -26.62 23.74 14.30
N ARG A 191 -27.95 23.86 14.31
CA ARG A 191 -28.81 22.83 14.94
C ARG A 191 -29.57 21.99 13.90
N ILE A 192 -29.63 20.68 14.16
CA ILE A 192 -30.33 19.73 13.30
C ILE A 192 -31.85 19.97 13.41
N ILE A 193 -32.48 20.49 12.37
CA ILE A 193 -33.94 20.73 12.37
C ILE A 193 -34.72 19.64 11.60
N LYS A 194 -34.03 18.80 10.83
CA LYS A 194 -34.69 17.67 10.20
C LYS A 194 -33.75 16.48 9.87
N GLU A 195 -34.33 15.29 9.90
CA GLU A 195 -33.69 14.05 9.51
C GLU A 195 -34.36 13.55 8.24
N ILE A 196 -33.56 13.17 7.25
CA ILE A 196 -34.07 12.63 5.98
C ILE A 196 -33.59 11.16 5.81
N PHE A 197 -34.57 10.29 5.56
CA PHE A 197 -34.34 8.88 5.36
C PHE A 197 -34.55 8.55 3.86
N PRO A 198 -33.44 8.32 3.14
CA PRO A 198 -33.58 8.04 1.71
C PRO A 198 -34.33 6.76 1.46
N THR A 199 -34.85 6.61 0.26
CA THR A 199 -35.54 5.40 -0.15
C THR A 199 -34.79 4.88 -1.36
N GLY A 200 -35.14 3.70 -1.84
CA GLY A 200 -34.51 3.15 -3.03
C GLY A 200 -33.30 2.28 -2.72
N ARG A 201 -32.22 2.45 -3.47
CA ARG A 201 -31.05 1.55 -3.34
C ARG A 201 -30.20 2.00 -2.16
N VAL A 202 -30.46 1.45 -0.97
CA VAL A 202 -29.87 1.98 0.27
C VAL A 202 -28.81 1.08 1.00
N LYS A 203 -28.55 -0.11 0.47
CA LYS A 203 -27.63 -1.13 1.09
C LYS A 203 -26.32 -0.54 1.71
N HIS A 204 -25.60 0.23 0.90
CA HIS A 204 -24.30 0.78 1.30
C HIS A 204 -24.00 2.12 0.62
N THR A 205 -23.98 3.18 1.40
CA THR A 205 -23.67 4.50 0.90
C THR A 205 -22.81 5.21 1.94
N GLU A 206 -21.65 5.70 1.52
CA GLU A 206 -20.78 6.46 2.39
C GLU A 206 -19.95 7.41 1.56
N GLU A 207 -19.28 8.35 2.23
CA GLU A 207 -18.41 9.35 1.58
C GLU A 207 -19.03 10.07 0.38
N CYS A 208 -20.32 10.42 0.49
CA CYS A 208 -20.99 11.14 -0.58
C CYS A 208 -20.37 12.47 -0.89
N THR A 209 -20.08 12.69 -2.16
CA THR A 209 -19.67 13.99 -2.64
C THR A 209 -20.91 14.62 -3.27
N CYS A 210 -21.36 15.75 -2.72
CA CYS A 210 -22.65 16.34 -3.09
C CYS A 210 -22.51 17.77 -3.62
N GLY A 211 -23.51 18.21 -4.36
CA GLY A 211 -23.62 19.62 -4.76
C GLY A 211 -25.04 19.90 -5.26
N PHE A 212 -25.34 21.16 -5.58
CA PHE A 212 -26.69 21.50 -6.10
C PHE A 212 -26.79 21.33 -7.61
N ALA A 213 -27.73 20.50 -8.07
CA ALA A 213 -28.15 20.53 -9.48
C ALA A 213 -29.01 21.76 -9.75
N SER A 214 -29.72 22.23 -8.74
CA SER A 214 -30.65 23.36 -8.92
C SER A 214 -31.05 23.89 -7.54
N ASN A 215 -32.01 24.83 -7.54
CA ASN A 215 -32.62 25.34 -6.31
C ASN A 215 -33.58 24.33 -5.65
N LYS A 216 -34.02 23.34 -6.41
CA LYS A 216 -34.81 22.24 -5.87
C LYS A 216 -34.01 21.01 -5.46
N THR A 217 -32.93 20.71 -6.14
CA THR A 217 -32.30 19.39 -6.01
C THR A 217 -30.82 19.42 -5.66
N ILE A 218 -30.44 18.54 -4.74
CA ILE A 218 -29.04 18.26 -4.43
C ILE A 218 -28.77 16.86 -4.96
N GLU A 219 -27.62 16.66 -5.56
CA GLU A 219 -27.18 15.31 -5.95
C GLU A 219 -25.85 14.96 -5.32
N CYS A 220 -25.57 13.66 -5.24
CA CYS A 220 -24.31 13.17 -4.69
C CYS A 220 -23.85 11.88 -5.38
N ALA A 221 -22.53 11.73 -5.53
CA ALA A 221 -21.92 10.50 -6.05
C ALA A 221 -21.16 9.92 -4.87
N CYS A 222 -21.52 8.71 -4.47
CA CYS A 222 -21.08 8.17 -3.18
C CYS A 222 -20.19 6.96 -3.40
N ARG A 223 -19.87 6.24 -2.31
CA ARG A 223 -19.01 5.03 -2.41
C ARG A 223 -19.73 3.84 -1.81
N ASP A 224 -19.74 2.71 -2.54
CA ASP A 224 -20.16 1.42 -1.98
C ASP A 224 -18.86 0.66 -1.70
N ASN A 225 -18.60 0.40 -0.42
CA ASN A 225 -17.33 -0.22 -0.04
C ASN A 225 -17.34 -1.74 -0.08
N SER A 226 -18.51 -2.32 -0.32
CA SER A 226 -18.71 -3.76 -0.22
C SER A 226 -19.19 -4.44 -1.48
N TYR A 227 -20.16 -3.83 -2.18
CA TYR A 227 -21.01 -4.58 -3.12
C TYR A 227 -20.80 -4.30 -4.60
N THR A 228 -20.26 -3.14 -4.95
CA THR A 228 -20.30 -2.70 -6.34
C THR A 228 -19.31 -1.60 -6.60
N ALA A 229 -18.94 -1.46 -7.88
CA ALA A 229 -18.01 -0.45 -8.32
C ALA A 229 -18.76 0.73 -8.96
N LYS A 230 -20.08 0.61 -9.09
CA LYS A 230 -20.91 1.73 -9.53
C LYS A 230 -21.10 2.62 -8.36
N ARG A 231 -20.92 3.92 -8.54
CA ARG A 231 -21.19 4.86 -7.44
C ARG A 231 -22.69 4.97 -7.19
N PRO A 232 -23.11 4.85 -5.93
CA PRO A 232 -24.49 5.18 -5.55
C PRO A 232 -24.73 6.66 -5.75
N PHE A 233 -25.94 7.03 -6.17
CA PHE A 233 -26.17 8.40 -6.65
C PHE A 233 -27.41 8.96 -6.02
N VAL A 234 -27.24 9.97 -5.17
CA VAL A 234 -28.35 10.55 -4.41
C VAL A 234 -29.04 11.71 -5.11
N LYS A 235 -30.37 11.71 -5.14
CA LYS A 235 -31.12 12.90 -5.52
C LYS A 235 -31.92 13.30 -4.33
N LEU A 236 -31.67 14.49 -3.79
CA LEU A 236 -32.38 14.98 -2.61
C LEU A 236 -33.16 16.27 -2.97
N ASN A 237 -34.48 16.21 -2.88
CA ASN A 237 -35.31 17.40 -3.10
C ASN A 237 -35.35 18.23 -1.83
N VAL A 238 -34.90 19.46 -1.92
CA VAL A 238 -34.85 20.36 -0.76
C VAL A 238 -36.18 21.13 -0.49
N GLU A 239 -37.18 20.99 -1.37
CA GLU A 239 -38.48 21.65 -1.15
C GLU A 239 -39.43 20.81 -0.30
N THR A 240 -39.31 19.50 -0.44
CA THR A 240 -40.10 18.52 0.30
C THR A 240 -39.28 17.74 1.32
N ASP A 241 -37.95 17.91 1.26
CA ASP A 241 -37.00 17.25 2.18
C ASP A 241 -37.05 15.72 2.12
N THR A 242 -37.02 15.20 0.90
CA THR A 242 -37.16 13.76 0.63
C THR A 242 -35.94 13.36 -0.19
N ALA A 243 -35.51 12.12 -0.08
CA ALA A 243 -34.33 11.69 -0.84
C ALA A 243 -34.52 10.27 -1.39
N GLU A 244 -33.97 10.03 -2.60
CA GLU A 244 -33.93 8.70 -3.22
C GLU A 244 -32.54 8.38 -3.75
N ILE A 245 -32.03 7.18 -3.48
CA ILE A 245 -30.75 6.68 -4.00
C ILE A 245 -30.91 5.54 -5.04
N ARG A 246 -30.21 5.65 -6.18
CA ARG A 246 -29.96 4.51 -7.12
C ARG A 246 -28.51 4.55 -7.58
N LEU A 247 -28.01 3.41 -8.09
CA LEU A 247 -26.65 3.34 -8.64
C LEU A 247 -26.51 4.08 -9.98
N MET A 248 -25.33 4.62 -10.25
CA MET A 248 -25.05 5.24 -11.54
C MET A 248 -25.01 4.17 -12.61
N CYS A 249 -25.63 4.46 -13.75
CA CYS A 249 -25.84 3.40 -14.74
C CYS A 249 -24.70 3.34 -15.73
N THR A 250 -23.89 4.39 -15.80
CA THR A 250 -22.82 4.47 -16.78
C THR A 250 -21.86 3.27 -16.73
N GLU A 251 -21.36 2.91 -17.91
CA GLU A 251 -20.35 1.86 -18.06
C GLU A 251 -18.99 2.32 -17.53
N THR A 252 -18.83 3.63 -17.37
CA THR A 252 -17.63 4.24 -16.83
C THR A 252 -17.60 4.14 -15.28
N TYR A 253 -17.35 2.93 -14.75
CA TYR A 253 -17.39 2.69 -13.30
C TYR A 253 -16.33 3.61 -12.64
N LEU A 254 -16.72 4.34 -11.59
CA LEU A 254 -15.91 5.45 -11.01
C LEU A 254 -15.22 5.10 -9.70
N ASP A 255 -15.57 3.96 -9.13
CA ASP A 255 -14.92 3.48 -7.94
C ASP A 255 -13.61 2.74 -8.28
N THR A 256 -12.81 2.54 -7.25
CA THR A 256 -11.57 1.74 -7.33
C THR A 256 -11.49 0.94 -6.04
N PRO A 257 -11.26 -0.37 -6.15
CA PRO A 257 -11.10 -1.08 -7.40
C PRO A 257 -12.37 -1.18 -8.22
N ARG A 258 -12.20 -1.55 -9.49
CA ARG A 258 -13.29 -1.78 -10.41
C ARG A 258 -12.85 -2.79 -11.46
N PRO A 259 -13.82 -3.38 -12.20
CA PRO A 259 -13.57 -4.16 -13.41
C PRO A 259 -13.55 -3.23 -14.65
N ASP A 260 -13.23 -3.78 -15.82
CA ASP A 260 -13.17 -3.00 -17.06
C ASP A 260 -14.52 -2.37 -17.36
N ASP A 261 -14.51 -1.18 -17.94
CA ASP A 261 -15.74 -0.46 -18.21
C ASP A 261 -16.73 -1.33 -18.97
N GLY A 262 -17.99 -1.23 -18.60
CA GLY A 262 -19.06 -1.90 -19.34
C GLY A 262 -19.19 -3.39 -19.14
N SER A 263 -18.35 -3.97 -18.28
CA SER A 263 -18.29 -5.43 -18.09
C SER A 263 -19.25 -5.91 -16.99
N ILE A 264 -19.82 -5.01 -16.20
CA ILE A 264 -20.87 -5.42 -15.28
C ILE A 264 -22.14 -5.68 -16.12
N THR A 265 -22.55 -6.94 -16.16
CA THR A 265 -23.68 -7.41 -16.96
C THR A 265 -24.99 -7.21 -16.21
N GLY A 266 -26.03 -6.74 -16.89
CA GLY A 266 -27.37 -6.58 -16.26
C GLY A 266 -28.02 -5.22 -16.52
N PRO A 267 -29.19 -4.96 -15.90
CA PRO A 267 -29.80 -3.65 -16.05
C PRO A 267 -29.06 -2.63 -15.18
N CYS A 268 -29.61 -1.44 -15.02
CA CYS A 268 -28.87 -0.34 -14.39
C CYS A 268 -28.46 -0.61 -12.93
N GLU A 269 -29.24 -1.44 -12.26
CA GLU A 269 -29.04 -1.67 -10.87
C GLU A 269 -28.11 -2.86 -10.51
N SER A 270 -27.65 -3.67 -11.46
CA SER A 270 -26.75 -4.82 -11.14
C SER A 270 -25.44 -4.37 -10.48
N ASN A 271 -24.89 -5.23 -9.62
CA ASN A 271 -23.72 -4.90 -8.84
C ASN A 271 -22.34 -4.94 -9.58
N GLY A 272 -21.91 -6.03 -10.22
CA GLY A 272 -22.03 -7.37 -9.77
C GLY A 272 -20.68 -7.59 -9.11
N ASP A 273 -19.62 -7.74 -9.90
CA ASP A 273 -18.30 -8.18 -9.39
C ASP A 273 -17.16 -7.16 -9.25
N LYS A 274 -16.05 -7.64 -8.68
CA LYS A 274 -14.91 -6.82 -8.17
C LYS A 274 -15.32 -5.41 -7.74
N GLY A 275 -16.20 -5.39 -6.73
CA GLY A 275 -16.78 -4.18 -6.18
C GLY A 275 -16.57 -4.04 -4.68
N SER A 276 -15.70 -4.87 -4.08
CA SER A 276 -15.33 -4.67 -2.67
C SER A 276 -14.30 -3.55 -2.58
N GLY A 277 -14.18 -2.95 -1.40
CA GLY A 277 -13.38 -1.75 -1.25
C GLY A 277 -13.95 -0.59 -2.05
N GLY A 278 -13.20 0.50 -2.14
CA GLY A 278 -13.74 1.69 -2.79
C GLY A 278 -12.89 2.90 -2.50
N ILE A 279 -13.40 4.04 -2.93
CA ILE A 279 -12.74 5.30 -2.77
C ILE A 279 -13.76 6.46 -2.93
N LYS A 280 -13.57 7.54 -2.16
CA LYS A 280 -14.33 8.76 -2.33
C LYS A 280 -14.00 9.41 -3.67
N GLY A 281 -15.02 9.91 -4.34
CA GLY A 281 -14.86 10.41 -5.72
C GLY A 281 -15.33 11.83 -5.88
N GLY A 282 -14.59 12.57 -6.73
CA GLY A 282 -14.92 13.91 -7.10
C GLY A 282 -16.20 13.99 -7.92
N PHE A 283 -16.96 15.06 -7.72
CA PHE A 283 -18.22 15.26 -8.41
C PHE A 283 -18.67 16.70 -8.26
N VAL A 284 -18.99 17.35 -9.36
CA VAL A 284 -19.36 18.74 -9.32
C VAL A 284 -20.22 19.09 -10.50
N HIS A 285 -21.07 20.10 -10.28
CA HIS A 285 -22.12 20.51 -11.21
C HIS A 285 -21.73 21.76 -11.98
N GLN A 286 -22.05 21.77 -13.28
CA GLN A 286 -21.96 22.94 -14.12
C GLN A 286 -23.38 23.35 -14.52
N ARG A 287 -23.97 24.31 -13.82
CA ARG A 287 -25.40 24.66 -14.03
C ARG A 287 -25.55 25.74 -15.07
N MET A 288 -26.20 25.42 -16.20
CA MET A 288 -26.46 26.40 -17.28
C MET A 288 -27.95 26.70 -17.42
N ALA A 289 -28.28 27.72 -18.23
CA ALA A 289 -29.67 28.20 -18.36
C ALA A 289 -30.65 27.10 -18.79
N SER A 290 -30.26 26.28 -19.77
CA SER A 290 -31.13 25.18 -20.21
C SER A 290 -30.40 23.81 -20.35
N LYS A 291 -29.45 23.55 -19.46
CA LYS A 291 -28.58 22.37 -19.56
C LYS A 291 -27.73 22.20 -18.29
N ILE A 292 -27.41 20.95 -17.95
CA ILE A 292 -26.59 20.70 -16.76
C ILE A 292 -25.40 19.75 -17.04
N GLY A 293 -24.21 20.18 -16.67
CA GLY A 293 -22.99 19.36 -16.82
C GLY A 293 -22.70 18.68 -15.48
N ARG A 294 -22.43 17.38 -15.52
CA ARG A 294 -21.96 16.65 -14.33
C ARG A 294 -20.52 16.23 -14.53
N TRP A 295 -19.64 16.66 -13.62
CA TRP A 295 -18.21 16.41 -13.73
C TRP A 295 -17.77 15.39 -12.65
N TYR A 296 -16.95 14.44 -13.03
CA TYR A 296 -16.58 13.32 -12.17
C TYR A 296 -15.09 13.08 -12.33
N SER A 297 -14.50 12.41 -11.35
CA SER A 297 -13.10 11.99 -11.44
CA SER A 297 -13.10 11.98 -11.45
C SER A 297 -12.94 10.55 -11.00
N ARG A 298 -11.89 9.90 -11.48
CA ARG A 298 -11.61 8.57 -11.06
C ARG A 298 -10.19 8.28 -11.36
N THR A 299 -9.73 7.21 -10.73
CA THR A 299 -8.33 6.83 -10.67
C THR A 299 -7.88 6.28 -12.05
N MET A 300 -6.63 6.48 -12.45
CA MET A 300 -6.18 5.95 -13.76
C MET A 300 -6.09 4.42 -13.68
N SER A 301 -5.52 3.89 -12.62
CA SER A 301 -5.47 2.44 -12.47
C SER A 301 -6.86 1.92 -12.10
N LYS A 302 -7.23 0.76 -12.63
CA LYS A 302 -8.50 0.13 -12.26
C LYS A 302 -8.51 -0.48 -10.84
N THR A 303 -7.32 -0.73 -10.27
CA THR A 303 -7.17 -1.46 -9.02
C THR A 303 -6.47 -0.68 -7.89
N LYS A 304 -5.41 0.07 -8.26
CA LYS A 304 -4.61 0.84 -7.32
C LYS A 304 -4.99 2.31 -7.35
N ARG A 305 -4.56 3.03 -6.31
CA ARG A 305 -4.86 4.45 -6.11
C ARG A 305 -3.73 5.27 -6.74
N MET A 306 -3.67 5.17 -8.08
CA MET A 306 -2.63 5.75 -8.89
C MET A 306 -3.32 6.49 -10.03
N GLY A 307 -2.89 7.71 -10.29
CA GLY A 307 -3.51 8.54 -11.30
C GLY A 307 -4.90 9.07 -10.94
N MET A 308 -5.40 9.98 -11.75
CA MET A 308 -6.78 10.51 -11.64
C MET A 308 -7.25 11.16 -12.95
N GLY A 309 -8.25 10.60 -13.62
CA GLY A 309 -8.82 11.22 -14.84
C GLY A 309 -10.06 12.05 -14.54
N LEU A 310 -10.36 13.04 -15.38
CA LEU A 310 -11.60 13.84 -15.26
C LEU A 310 -12.57 13.49 -16.38
N TYR A 311 -13.83 13.25 -16.03
CA TYR A 311 -14.85 12.93 -17.03
C TYR A 311 -16.05 13.88 -16.90
N VAL A 312 -16.86 13.98 -17.96
CA VAL A 312 -18.08 14.82 -17.94
C VAL A 312 -19.20 14.22 -18.79
N LYS A 313 -20.46 14.44 -18.37
CA LYS A 313 -21.62 14.26 -19.22
C LYS A 313 -22.62 15.36 -18.97
N TYR A 314 -23.27 15.81 -20.04
CA TYR A 314 -24.27 16.86 -19.96
C TYR A 314 -25.68 16.28 -20.05
N ASP A 315 -26.54 16.66 -19.12
CA ASP A 315 -27.93 16.16 -19.06
C ASP A 315 -28.10 14.63 -18.96
N GLY A 316 -29.33 14.15 -19.24
CA GLY A 316 -29.71 12.75 -19.05
C GLY A 316 -30.01 12.46 -17.60
N ASP A 317 -30.41 11.22 -17.32
CA ASP A 317 -30.58 10.74 -15.95
C ASP A 317 -29.48 9.70 -15.60
N PRO A 318 -28.56 10.05 -14.66
CA PRO A 318 -27.44 9.11 -14.33
C PRO A 318 -27.90 7.73 -13.82
N TRP A 319 -29.14 7.66 -13.35
CA TRP A 319 -29.72 6.42 -12.85
C TRP A 319 -30.02 5.39 -13.95
N THR A 320 -30.26 5.87 -15.16
CA THR A 320 -30.77 5.05 -16.24
C THR A 320 -29.93 5.18 -17.52
N ASP A 321 -29.01 6.15 -17.60
CA ASP A 321 -28.22 6.38 -18.82
CA ASP A 321 -28.23 6.37 -18.81
C ASP A 321 -26.92 5.59 -18.75
N SER A 322 -26.81 4.54 -19.56
CA SER A 322 -25.65 3.62 -19.49
C SER A 322 -24.44 4.09 -20.31
N ASP A 323 -24.58 5.22 -21.00
CA ASP A 323 -23.52 5.69 -21.89
C ASP A 323 -22.28 6.14 -21.13
N ALA A 324 -21.13 6.00 -21.79
CA ALA A 324 -19.85 6.41 -21.24
C ALA A 324 -19.87 7.88 -20.87
N LEU A 325 -19.18 8.20 -19.79
CA LEU A 325 -18.74 9.56 -19.51
C LEU A 325 -17.64 9.92 -20.50
N ALA A 326 -17.52 11.20 -20.81
CA ALA A 326 -16.54 11.69 -21.80
C ALA A 326 -15.22 12.02 -21.11
N LEU A 327 -14.15 11.29 -21.42
CA LEU A 327 -12.81 11.62 -20.89
C LEU A 327 -12.46 13.04 -21.28
N SER A 328 -12.16 13.87 -20.30
CA SER A 328 -11.73 15.26 -20.53
C SER A 328 -10.20 15.41 -20.44
N GLY A 329 -9.55 14.66 -19.54
CA GLY A 329 -8.11 14.78 -19.34
C GLY A 329 -7.53 14.03 -18.15
N VAL A 330 -6.23 13.76 -18.21
CA VAL A 330 -5.47 13.14 -17.12
C VAL A 330 -5.01 14.24 -16.18
N MET A 331 -5.50 14.22 -14.94
CA MET A 331 -5.20 15.24 -13.94
C MET A 331 -3.99 14.81 -13.13
N VAL A 332 -3.87 13.51 -12.91
CA VAL A 332 -2.70 12.94 -12.28
C VAL A 332 -2.29 11.69 -13.07
N SER A 333 -1.01 11.61 -13.42
CA SER A 333 -0.48 10.48 -14.17
C SER A 333 -0.53 9.20 -13.36
N MET A 334 -0.51 8.08 -14.07
CA MET A 334 -0.51 6.76 -13.44
C MET A 334 0.66 6.55 -12.47
N GLU A 335 1.78 7.18 -12.77
CA GLU A 335 2.98 7.05 -11.93
C GLU A 335 2.87 7.81 -10.60
N GLU A 336 1.87 8.72 -10.48
CA GLU A 336 1.64 9.49 -9.26
C GLU A 336 0.43 8.97 -8.45
N PRO A 337 0.49 9.09 -7.12
CA PRO A 337 -0.63 8.66 -6.27
C PRO A 337 -1.93 9.48 -6.50
N GLY A 338 -3.09 8.80 -6.45
CA GLY A 338 -4.40 9.45 -6.54
C GLY A 338 -5.40 8.76 -5.63
N TRP A 339 -5.64 9.36 -4.44
CA TRP A 339 -6.52 8.81 -3.41
C TRP A 339 -7.84 9.60 -3.48
N TYR A 340 -8.35 10.15 -2.39
CA TYR A 340 -9.71 10.72 -2.42
C TYR A 340 -9.89 11.88 -3.41
N SER A 341 -11.09 12.08 -3.92
CA SER A 341 -11.39 13.32 -4.66
C SER A 341 -12.69 13.94 -4.19
N PHE A 342 -12.86 15.23 -4.41
CA PHE A 342 -14.09 15.95 -4.00
C PHE A 342 -14.38 17.08 -4.96
N GLY A 343 -15.63 17.54 -4.94
CA GLY A 343 -16.06 18.74 -5.64
C GLY A 343 -16.31 19.91 -4.70
N PHE A 344 -16.24 21.11 -5.27
CA PHE A 344 -16.53 22.36 -4.57
C PHE A 344 -16.75 23.49 -5.54
N GLU A 345 -17.26 24.60 -5.03
CA GLU A 345 -17.56 25.75 -5.88
C GLU A 345 -17.12 27.09 -5.33
N ILE A 346 -16.43 27.86 -6.16
CA ILE A 346 -15.91 29.15 -5.77
C ILE A 346 -16.92 30.18 -6.25
N LYS A 347 -17.19 31.18 -5.42
CA LYS A 347 -18.11 32.25 -5.79
C LYS A 347 -17.35 33.39 -6.49
N ASP A 348 -17.55 33.51 -7.79
CA ASP A 348 -17.17 34.71 -8.52
C ASP A 348 -18.29 35.75 -8.26
N LYS A 349 -18.18 36.92 -8.87
CA LYS A 349 -19.04 38.04 -8.51
C LYS A 349 -20.49 37.77 -8.80
N LYS A 350 -20.81 37.14 -9.94
CA LYS A 350 -22.22 36.87 -10.30
C LYS A 350 -22.51 35.41 -10.71
N CYS A 351 -21.51 34.52 -10.58
CA CYS A 351 -21.67 33.11 -10.96
C CYS A 351 -20.75 32.17 -10.19
N ASP A 352 -21.07 30.88 -10.20
CA ASP A 352 -20.28 29.87 -9.46
C ASP A 352 -19.29 29.09 -10.35
N VAL A 353 -18.07 28.93 -9.85
CA VAL A 353 -17.02 28.22 -10.59
C VAL A 353 -16.79 26.80 -10.06
N PRO A 354 -17.19 25.77 -10.82
CA PRO A 354 -17.01 24.40 -10.35
C PRO A 354 -15.54 23.91 -10.35
N CYS A 355 -15.19 23.12 -9.34
CA CYS A 355 -13.84 22.63 -9.15
C CYS A 355 -13.79 21.22 -8.58
N ILE A 356 -12.66 20.55 -8.80
CA ILE A 356 -12.43 19.19 -8.26
C ILE A 356 -11.08 19.14 -7.57
N GLY A 357 -11.06 18.63 -6.34
CA GLY A 357 -9.82 18.48 -5.60
C GLY A 357 -9.40 17.04 -5.64
N ILE A 358 -8.11 16.80 -5.45
CA ILE A 358 -7.52 15.47 -5.48
C ILE A 358 -6.52 15.31 -4.34
N GLU A 359 -6.79 14.35 -3.45
CA GLU A 359 -5.85 13.94 -2.40
C GLU A 359 -4.77 13.04 -2.97
N MET A 360 -3.52 13.44 -2.86
CA MET A 360 -2.40 12.65 -3.40
C MET A 360 -1.52 12.12 -2.26
N VAL A 361 -1.83 10.92 -1.80
CA VAL A 361 -1.20 10.47 -0.55
C VAL A 361 0.26 9.98 -0.76
N HIS A 362 1.14 10.39 0.15
CA HIS A 362 2.51 9.87 0.25
C HIS A 362 2.48 8.60 1.11
N ASP A 363 2.52 7.45 0.46
CA ASP A 363 2.39 6.20 1.16
C ASP A 363 3.64 5.31 1.06
N GLY A 364 4.33 5.13 2.18
CA GLY A 364 5.45 4.17 2.27
C GLY A 364 5.14 3.02 3.22
N GLY A 365 3.87 2.84 3.56
CA GLY A 365 3.50 1.84 4.55
C GLY A 365 3.49 2.40 5.95
N LYS A 366 3.11 1.57 6.91
CA LYS A 366 2.91 2.00 8.30
C LYS A 366 4.18 2.23 9.13
N GLU A 367 5.36 2.00 8.56
CA GLU A 367 6.63 2.19 9.30
C GLU A 367 7.33 3.48 8.91
N THR A 368 6.60 4.38 8.24
CA THR A 368 6.94 5.80 8.12
C THR A 368 5.71 6.71 8.15
N TRP A 369 5.99 7.99 7.94
CA TRP A 369 5.01 9.02 7.90
C TRP A 369 3.96 8.82 6.79
N HIS A 370 2.72 9.22 7.07
CA HIS A 370 1.60 9.07 6.13
C HIS A 370 0.82 10.36 6.07
N SER A 371 0.94 11.06 4.96
CA SER A 371 0.20 12.31 4.76
C SER A 371 -0.20 12.47 3.28
N ALA A 372 -0.55 13.69 2.86
CA ALA A 372 -1.11 13.88 1.53
C ALA A 372 -0.77 15.24 1.00
N ALA A 373 -0.67 15.39 -0.31
CA ALA A 373 -0.85 16.68 -0.97
C ALA A 373 -2.34 16.93 -1.39
N THR A 374 -2.66 18.13 -1.91
CA THR A 374 -3.96 18.41 -2.56
C THR A 374 -3.83 19.15 -3.91
N ALA A 375 -4.35 18.56 -4.98
CA ALA A 375 -4.33 19.15 -6.33
C ALA A 375 -5.74 19.68 -6.66
N ILE A 376 -5.82 20.90 -7.16
CA ILE A 376 -7.10 21.50 -7.55
C ILE A 376 -7.14 21.75 -9.06
N TYR A 377 -8.31 21.46 -9.64
CA TYR A 377 -8.67 21.75 -11.02
C TYR A 377 -10.09 22.38 -11.08
N CYS A 378 -10.26 23.33 -11.97
CA CYS A 378 -11.51 24.09 -12.04
C CYS A 378 -11.86 24.41 -13.50
N LEU A 379 -13.17 24.54 -13.76
CA LEU A 379 -13.68 25.06 -15.04
C LEU A 379 -12.99 26.37 -15.29
N MET A 380 -12.33 26.50 -16.44
CA MET A 380 -11.77 27.78 -16.88
C MET A 380 -11.48 27.78 -18.38
N GLY A 381 -11.99 28.79 -19.07
CA GLY A 381 -11.93 28.86 -20.53
C GLY A 381 -12.47 27.66 -21.30
N SER A 382 -12.00 27.54 -22.52
CA SER A 382 -12.47 26.52 -23.45
CA SER A 382 -12.47 26.49 -23.43
C SER A 382 -11.32 25.59 -23.92
N GLY A 383 -11.63 24.62 -24.75
CA GLY A 383 -10.62 23.67 -25.26
C GLY A 383 -10.44 22.39 -24.45
N GLN A 384 -9.22 21.84 -24.42
CA GLN A 384 -8.98 20.65 -23.59
CA GLN A 384 -8.88 20.62 -23.62
C GLN A 384 -8.12 20.94 -22.36
N LEU A 385 -8.31 20.10 -21.34
CA LEU A 385 -7.46 20.07 -20.16
C LEU A 385 -6.03 19.77 -20.61
N LEU A 386 -5.08 20.53 -20.08
CA LEU A 386 -3.75 20.57 -20.65
C LEU A 386 -2.60 19.95 -19.83
N TRP A 387 -2.55 20.12 -18.52
CA TRP A 387 -1.41 19.56 -17.74
C TRP A 387 -1.81 18.75 -16.52
N ASP A 388 -0.93 17.81 -16.19
CA ASP A 388 -1.11 16.94 -15.05
C ASP A 388 -0.33 17.44 -13.82
N THR A 389 -0.52 16.77 -12.69
CA THR A 389 0.06 17.19 -11.41
C THR A 389 0.94 16.14 -10.71
N VAL A 390 2.12 16.57 -10.25
CA VAL A 390 2.99 15.71 -9.45
C VAL A 390 3.17 16.33 -8.05
N THR A 391 3.32 15.50 -7.04
CA THR A 391 3.55 16.03 -5.68
C THR A 391 4.95 16.62 -5.53
N GLY A 392 5.92 16.04 -6.26
CA GLY A 392 7.33 16.39 -6.12
C GLY A 392 8.02 15.99 -4.82
N VAL A 393 7.41 15.14 -4.02
CA VAL A 393 8.03 14.77 -2.73
C VAL A 393 8.89 13.49 -2.83
N ASP A 394 10.06 13.47 -2.17
CA ASP A 394 10.86 12.24 -1.96
C ASP A 394 10.66 11.90 -0.48
N MET A 395 9.92 10.83 -0.18
CA MET A 395 9.56 10.51 1.21
C MET A 395 10.74 10.22 2.16
N ALA A 396 11.94 10.01 1.63
CA ALA A 396 13.11 9.68 2.46
C ALA A 396 13.88 10.92 2.93
N LEU A 397 13.42 12.11 2.56
CA LEU A 397 14.11 13.32 2.89
C LEU A 397 13.60 13.80 4.25
N PRO B 9 23.94 -41.10 -2.87
CA PRO B 9 24.93 -40.14 -3.35
C PRO B 9 25.78 -39.62 -2.21
N GLU B 10 26.52 -38.54 -2.45
CA GLU B 10 27.33 -37.92 -1.40
C GLU B 10 26.72 -36.59 -0.92
N TRP B 11 27.08 -36.22 0.31
CA TRP B 11 26.72 -34.93 0.89
C TRP B 11 27.20 -33.78 0.02
N THR B 12 26.39 -32.73 -0.13
CA THR B 12 26.78 -31.52 -0.86
CA THR B 12 26.87 -31.60 -0.89
C THR B 12 27.77 -30.73 -0.01
N TYR B 13 28.64 -29.96 -0.68
CA TYR B 13 29.60 -29.05 -0.09
C TYR B 13 29.64 -27.83 -1.02
N PRO B 14 29.87 -26.62 -0.48
CA PRO B 14 30.01 -25.49 -1.40
C PRO B 14 31.28 -25.60 -2.25
N ARG B 15 31.20 -25.23 -3.53
CA ARG B 15 32.35 -25.24 -4.44
C ARG B 15 32.70 -23.85 -4.86
N LEU B 16 33.83 -23.72 -5.54
CA LEU B 16 34.19 -22.47 -6.22
C LEU B 16 33.09 -22.12 -7.25
N SER B 17 32.93 -20.85 -7.54
CA SER B 17 31.86 -20.44 -8.44
C SER B 17 32.29 -20.51 -9.89
N CYS B 18 31.32 -20.75 -10.75
CA CYS B 18 31.52 -20.73 -12.19
C CYS B 18 32.09 -19.37 -12.58
N PRO B 19 32.87 -19.33 -13.68
CA PRO B 19 33.47 -18.08 -14.07
C PRO B 19 32.44 -17.10 -14.64
N GLY B 20 32.61 -15.82 -14.36
CA GLY B 20 31.69 -14.80 -14.81
C GLY B 20 31.96 -13.53 -14.07
N SER B 21 31.41 -12.42 -14.51
CA SER B 21 31.60 -11.15 -13.79
C SER B 21 30.42 -10.18 -13.83
N THR B 22 29.30 -10.57 -14.44
CA THR B 22 28.04 -9.84 -14.24
C THR B 22 26.85 -10.78 -14.17
N PHE B 23 25.74 -10.25 -13.65
CA PHE B 23 24.43 -10.95 -13.64
C PHE B 23 23.64 -10.45 -14.83
N GLN B 24 22.76 -11.32 -15.33
CA GLN B 24 21.80 -11.03 -16.39
C GLN B 24 20.44 -11.63 -16.01
N LYS B 25 19.36 -11.06 -16.58
CA LYS B 25 18.01 -11.60 -16.47
C LYS B 25 17.96 -13.00 -17.02
N ALA B 26 17.38 -13.92 -16.25
CA ALA B 26 17.44 -15.35 -16.57
C ALA B 26 16.06 -15.91 -16.89
N LEU B 27 15.12 -15.66 -15.97
CA LEU B 27 13.80 -16.30 -15.96
C LEU B 27 12.76 -15.43 -15.17
N LEU B 28 11.56 -15.31 -15.71
CA LEU B 28 10.43 -14.79 -14.95
C LEU B 28 9.33 -15.85 -14.78
N ILE B 29 8.80 -15.95 -13.56
CA ILE B 29 7.65 -16.79 -13.22
C ILE B 29 6.55 -15.81 -12.77
N SER B 30 5.64 -15.45 -13.67
CA SER B 30 4.50 -14.58 -13.37
C SER B 30 3.19 -15.36 -13.58
N PRO B 31 2.79 -16.13 -12.54
CA PRO B 31 1.65 -17.02 -12.67
C PRO B 31 0.34 -16.30 -12.95
N HIS B 32 0.28 -15.01 -12.65
CA HIS B 32 -0.98 -14.27 -12.73
C HIS B 32 -1.22 -13.64 -14.06
N ARG B 33 -0.21 -13.75 -14.93
CA ARG B 33 -0.45 -13.60 -16.37
C ARG B 33 -1.59 -14.50 -16.89
N PHE B 34 -1.91 -15.55 -16.14
CA PHE B 34 -2.96 -16.47 -16.53
C PHE B 34 -4.20 -16.47 -15.61
N GLY B 35 -4.26 -15.58 -14.63
CA GLY B 35 -5.41 -15.52 -13.71
C GLY B 35 -6.61 -14.66 -14.15
N GLU B 36 -6.84 -14.44 -15.45
CA GLU B 36 -7.93 -13.52 -15.83
C GLU B 36 -9.26 -14.25 -15.61
N THR B 37 -10.29 -13.43 -15.45
CA THR B 37 -11.68 -13.88 -15.39
C THR B 37 -12.07 -14.53 -16.71
N LYS B 38 -11.49 -14.02 -17.80
CA LYS B 38 -11.81 -14.56 -19.12
CA LYS B 38 -11.69 -14.48 -19.19
C LYS B 38 -10.90 -15.75 -19.49
N GLY B 39 -9.92 -16.07 -18.64
CA GLY B 39 -9.05 -17.24 -18.83
C GLY B 39 -9.58 -18.53 -18.23
N ASN B 40 -8.74 -19.58 -18.24
CA ASN B 40 -9.11 -20.91 -17.76
C ASN B 40 -7.98 -21.53 -16.89
N SER B 41 -7.19 -20.72 -16.19
CA SER B 41 -6.13 -21.25 -15.34
C SER B 41 -6.39 -20.97 -13.86
N ALA B 42 -5.55 -21.58 -13.00
CA ALA B 42 -5.66 -21.49 -11.54
C ALA B 42 -4.34 -21.26 -10.80
N PRO B 43 -3.67 -20.15 -11.06
CA PRO B 43 -2.49 -19.80 -10.31
C PRO B 43 -2.80 -19.63 -8.85
N LEU B 44 -1.91 -20.17 -8.03
CA LEU B 44 -2.08 -20.08 -6.59
C LEU B 44 -1.72 -18.69 -6.09
N ILE B 45 -2.36 -18.28 -5.00
CA ILE B 45 -2.15 -16.98 -4.41
C ILE B 45 -1.03 -17.14 -3.39
N ILE B 46 0.14 -16.56 -3.69
CA ILE B 46 1.34 -16.76 -2.89
C ILE B 46 2.01 -15.45 -2.41
N ARG B 47 3.04 -15.65 -1.59
CA ARG B 47 4.01 -14.65 -1.22
C ARG B 47 5.25 -15.31 -0.56
N GLU B 48 6.25 -14.52 -0.26
CA GLU B 48 7.53 -15.07 0.21
C GLU B 48 8.00 -16.26 -0.65
N PRO B 49 8.19 -16.06 -1.98
CA PRO B 49 8.78 -17.13 -2.78
C PRO B 49 10.27 -17.23 -2.50
N PHE B 50 10.84 -18.39 -2.78
CA PHE B 50 12.28 -18.58 -2.76
C PHE B 50 12.62 -19.79 -3.58
N ILE B 51 13.89 -19.97 -3.88
CA ILE B 51 14.33 -21.10 -4.67
C ILE B 51 15.48 -21.78 -3.93
N ALA B 52 15.52 -23.11 -4.05
CA ALA B 52 16.63 -23.90 -3.53
C ALA B 52 16.89 -25.02 -4.53
N CYS B 53 18.15 -25.39 -4.67
CA CYS B 53 18.56 -26.36 -5.68
C CYS B 53 19.27 -27.56 -5.04
N GLY B 54 19.01 -28.75 -5.59
CA GLY B 54 19.81 -29.95 -5.32
C GLY B 54 20.72 -30.33 -6.49
N PRO B 55 21.39 -31.50 -6.40
CA PRO B 55 22.32 -31.88 -7.46
C PRO B 55 21.64 -32.19 -8.80
N LYS B 56 20.32 -32.42 -8.81
CA LYS B 56 19.63 -32.69 -10.06
C LYS B 56 18.63 -31.60 -10.47
N GLU B 57 18.12 -30.82 -9.52
CA GLU B 57 16.90 -30.04 -9.75
C GLU B 57 16.82 -28.82 -8.85
N CYS B 58 16.19 -27.77 -9.36
CA CYS B 58 15.87 -26.62 -8.55
C CYS B 58 14.38 -26.63 -8.28
N LYS B 59 14.02 -26.36 -7.03
CA LYS B 59 12.62 -26.20 -6.62
C LYS B 59 12.26 -24.74 -6.33
N HIS B 60 11.08 -24.33 -6.79
CA HIS B 60 10.53 -22.96 -6.57
C HIS B 60 9.47 -23.08 -5.48
N PHE B 61 9.79 -22.55 -4.30
CA PHE B 61 8.93 -22.65 -3.14
C PHE B 61 8.17 -21.35 -2.93
N ALA B 62 7.04 -21.43 -2.25
CA ALA B 62 6.32 -20.23 -1.78
C ALA B 62 5.35 -20.58 -0.65
N LEU B 63 4.82 -19.56 0.02
CA LEU B 63 3.74 -19.77 0.97
C LEU B 63 2.46 -19.30 0.31
N THR B 64 1.52 -20.22 0.19
CA THR B 64 0.23 -19.94 -0.44
C THR B 64 -0.82 -19.73 0.62
N HIS B 65 -1.83 -18.89 0.29
CA HIS B 65 -3.07 -18.74 1.06
C HIS B 65 -4.17 -19.83 0.83
N TYR B 66 -3.87 -20.88 0.05
CA TYR B 66 -4.80 -21.97 -0.23
C TYR B 66 -6.01 -21.45 -1.05
N ALA B 67 -5.69 -20.64 -2.05
CA ALA B 67 -6.64 -19.89 -2.87
C ALA B 67 -6.03 -19.68 -4.24
N ALA B 68 -6.88 -19.58 -5.25
CA ALA B 68 -6.45 -19.35 -6.62
C ALA B 68 -7.10 -18.06 -7.16
N GLN B 69 -6.51 -17.55 -8.25
CA GLN B 69 -7.10 -16.49 -9.04
C GLN B 69 -7.37 -17.01 -10.45
N PRO B 70 -8.62 -16.87 -10.95
CA PRO B 70 -9.74 -16.16 -10.29
C PRO B 70 -10.41 -17.00 -9.19
N GLY B 71 -10.97 -16.36 -8.18
CA GLY B 71 -11.57 -17.11 -7.06
C GLY B 71 -12.44 -16.29 -6.13
N GLY B 72 -12.83 -16.92 -5.04
CA GLY B 72 -13.70 -16.28 -4.05
C GLY B 72 -13.10 -16.10 -2.66
N TYR B 73 -11.83 -16.45 -2.45
CA TYR B 73 -11.22 -16.36 -1.11
C TYR B 73 -10.11 -15.33 -1.01
N TYR B 74 -10.27 -14.22 -1.73
CA TYR B 74 -9.30 -13.11 -1.76
C TYR B 74 -9.20 -12.42 -0.43
N ASN B 75 -10.32 -12.40 0.29
CA ASN B 75 -10.34 -11.79 1.58
C ASN B 75 -9.41 -12.56 2.51
N GLY B 76 -8.50 -11.81 3.16
CA GLY B 76 -7.46 -12.38 4.02
C GLY B 76 -6.12 -12.60 3.35
N THR B 77 -6.06 -12.50 2.03
CA THR B 77 -4.82 -12.86 1.33
C THR B 77 -3.77 -11.75 1.38
N ARG B 78 -4.12 -10.63 2.01
CA ARG B 78 -3.15 -9.59 2.33
C ARG B 78 -2.48 -9.75 3.72
N GLY B 79 -2.92 -10.72 4.53
CA GLY B 79 -2.26 -11.05 5.82
C GLY B 79 -1.19 -12.13 5.69
N ASP B 80 -0.46 -12.37 6.77
CA ASP B 80 0.67 -13.31 6.78
C ASP B 80 0.31 -14.67 7.41
N ARG B 81 -0.45 -14.59 8.51
CA ARG B 81 -0.65 -15.70 9.41
C ARG B 81 -2.11 -16.10 9.49
N ASN B 82 -2.35 -17.35 9.15
CA ASN B 82 -3.67 -17.96 9.26
C ASN B 82 -3.50 -19.46 9.22
N LYS B 83 -4.59 -20.17 9.51
CA LYS B 83 -4.58 -21.60 9.66
C LYS B 83 -4.67 -22.33 8.33
N LEU B 84 -4.68 -21.60 7.21
CA LEU B 84 -4.71 -22.25 5.87
C LEU B 84 -3.37 -22.19 5.16
N ARG B 85 -2.48 -21.33 5.65
CA ARG B 85 -1.23 -21.01 4.97
C ARG B 85 -0.32 -22.26 4.91
N HIS B 86 0.25 -22.49 3.73
CA HIS B 86 1.09 -23.65 3.44
C HIS B 86 2.29 -23.35 2.62
N LEU B 87 3.36 -24.12 2.89
CA LEU B 87 4.55 -24.18 2.06
C LEU B 87 4.29 -25.11 0.88
N ILE B 88 4.50 -24.59 -0.32
CA ILE B 88 4.23 -25.28 -1.57
C ILE B 88 5.46 -25.15 -2.47
N SER B 89 5.58 -26.05 -3.44
CA SER B 89 6.69 -25.97 -4.39
C SER B 89 6.28 -26.49 -5.75
N VAL B 90 7.05 -26.08 -6.75
CA VAL B 90 6.98 -26.59 -8.11
C VAL B 90 8.45 -26.78 -8.51
N LYS B 91 8.73 -27.66 -9.44
CA LYS B 91 10.04 -27.61 -10.08
C LYS B 91 10.16 -26.23 -10.74
N LEU B 92 11.30 -25.57 -10.52
CA LEU B 92 11.58 -24.28 -11.14
C LEU B 92 11.43 -24.34 -12.67
N GLY B 93 10.59 -23.43 -13.18
CA GLY B 93 10.23 -23.38 -14.56
C GLY B 93 8.79 -23.72 -14.78
N LYS B 94 8.12 -24.24 -13.76
CA LYS B 94 6.71 -24.57 -13.88
C LYS B 94 5.93 -23.51 -13.17
N ILE B 95 4.76 -23.19 -13.72
CA ILE B 95 3.82 -22.25 -13.11
C ILE B 95 3.17 -22.90 -11.87
N PRO B 96 3.28 -22.27 -10.70
CA PRO B 96 2.64 -22.84 -9.48
C PRO B 96 1.12 -22.66 -9.44
N THR B 97 0.40 -23.69 -9.87
CA THR B 97 -1.05 -23.69 -9.98
C THR B 97 -1.57 -24.73 -9.01
N VAL B 98 -2.88 -24.69 -8.81
CA VAL B 98 -3.58 -25.69 -8.01
C VAL B 98 -3.03 -27.09 -8.30
N GLU B 99 -2.91 -27.40 -9.59
CA GLU B 99 -2.53 -28.74 -9.99
C GLU B 99 -1.03 -29.02 -10.11
N ASN B 100 -0.24 -28.03 -10.53
CA ASN B 100 1.20 -28.25 -10.69
C ASN B 100 1.93 -28.41 -9.36
N SER B 101 1.40 -27.73 -8.35
CA SER B 101 2.05 -27.58 -7.07
C SER B 101 1.85 -28.81 -6.20
N ILE B 102 2.73 -28.94 -5.21
CA ILE B 102 2.58 -29.99 -4.20
C ILE B 102 2.63 -29.24 -2.89
N PHE B 103 1.80 -29.64 -1.95
CA PHE B 103 1.71 -28.98 -0.67
C PHE B 103 2.56 -29.79 0.30
N HIS B 104 3.55 -29.14 0.91
CA HIS B 104 4.51 -29.81 1.83
C HIS B 104 4.05 -29.86 3.29
N MET B 105 3.58 -28.72 3.78
CA MET B 105 3.15 -28.65 5.15
C MET B 105 2.50 -27.31 5.47
N ALA B 106 1.72 -27.29 6.55
CA ALA B 106 1.08 -26.06 7.01
C ALA B 106 2.20 -25.17 7.53
N ALA B 107 2.31 -23.98 6.96
CA ALA B 107 3.30 -23.01 7.41
C ALA B 107 2.87 -21.59 7.01
N TRP B 108 3.13 -20.62 7.88
CA TRP B 108 3.11 -19.22 7.47
C TRP B 108 4.52 -18.62 7.49
N SER B 109 5.53 -19.49 7.65
CA SER B 109 6.94 -19.10 7.56
C SER B 109 7.77 -20.29 7.12
N GLY B 110 8.65 -20.03 6.14
CA GLY B 110 9.25 -21.10 5.36
C GLY B 110 10.77 -21.15 5.17
N SER B 111 11.26 -22.36 4.96
CA SER B 111 12.63 -22.60 4.43
C SER B 111 12.70 -24.02 3.89
N ALA B 112 13.66 -24.26 2.99
CA ALA B 112 13.89 -25.60 2.45
C ALA B 112 15.30 -25.69 1.92
N CYS B 113 15.86 -26.91 1.90
CA CYS B 113 17.22 -27.16 1.35
C CYS B 113 17.62 -28.66 1.20
N HIS B 114 18.47 -28.93 0.21
CA HIS B 114 18.93 -30.27 -0.14
C HIS B 114 20.37 -30.44 0.30
N ASP B 115 20.69 -31.57 0.90
CA ASP B 115 22.02 -31.86 1.44
C ASP B 115 22.93 -32.74 0.58
N GLY B 116 22.42 -33.18 -0.57
CA GLY B 116 23.11 -34.15 -1.44
C GLY B 116 22.31 -35.42 -1.56
N LYS B 117 21.56 -35.76 -0.51
CA LYS B 117 20.71 -36.97 -0.50
C LYS B 117 19.20 -36.69 -0.55
N GLU B 118 18.77 -35.67 0.18
CA GLU B 118 17.37 -35.50 0.39
C GLU B 118 17.02 -34.04 0.71
N TRP B 119 15.77 -33.68 0.45
CA TRP B 119 15.28 -32.35 0.81
C TRP B 119 14.98 -32.33 2.30
N THR B 120 15.35 -31.24 2.95
CA THR B 120 14.76 -30.85 4.22
C THR B 120 13.77 -29.68 3.96
N TYR B 121 12.56 -29.78 4.49
CA TYR B 121 11.52 -28.75 4.35
C TYR B 121 11.14 -28.22 5.72
N ILE B 122 11.04 -26.89 5.84
CA ILE B 122 10.81 -26.28 7.15
C ILE B 122 9.63 -25.27 7.12
N GLY B 123 8.76 -25.35 8.14
CA GLY B 123 7.54 -24.54 8.19
C GLY B 123 7.14 -24.24 9.62
N VAL B 124 6.96 -22.96 9.92
CA VAL B 124 6.46 -22.53 11.22
C VAL B 124 4.97 -22.30 11.09
N ASP B 125 4.21 -22.89 12.00
CA ASP B 125 2.80 -22.47 12.15
C ASP B 125 2.45 -22.35 13.64
N GLY B 126 1.16 -22.25 13.94
CA GLY B 126 0.71 -22.09 15.32
C GLY B 126 0.24 -20.67 15.65
N PRO B 127 -0.21 -20.45 16.91
CA PRO B 127 -0.63 -19.13 17.36
C PRO B 127 0.56 -18.25 17.58
N ASP B 128 0.32 -16.94 17.45
CA ASP B 128 1.39 -15.94 17.55
C ASP B 128 2.26 -16.12 18.80
N ASN B 129 1.62 -16.43 19.91
CA ASN B 129 2.26 -16.50 21.22
C ASN B 129 2.92 -17.86 21.56
N ASN B 130 2.62 -18.90 20.79
CA ASN B 130 3.26 -20.22 21.00
C ASN B 130 3.41 -21.01 19.67
N ALA B 131 4.14 -20.40 18.74
CA ALA B 131 4.31 -20.95 17.42
C ALA B 131 5.34 -22.09 17.40
N LEU B 132 5.29 -22.88 16.33
CA LEU B 132 6.03 -24.14 16.23
C LEU B 132 6.76 -24.31 14.91
N LEU B 133 8.08 -24.41 14.97
CA LEU B 133 8.89 -24.71 13.78
C LEU B 133 8.93 -26.23 13.59
N LYS B 134 8.73 -26.68 12.35
CA LYS B 134 8.47 -28.09 12.02
C LYS B 134 9.41 -28.50 10.91
N ILE B 135 9.93 -29.74 10.97
CA ILE B 135 10.92 -30.26 10.01
C ILE B 135 10.46 -31.58 9.31
N LYS B 136 10.48 -31.54 7.98
CA LYS B 136 10.21 -32.68 7.14
C LYS B 136 11.53 -33.05 6.46
N TYR B 137 11.95 -34.30 6.60
CA TYR B 137 13.05 -34.84 5.80
C TYR B 137 12.46 -35.87 4.84
N GLY B 138 12.64 -35.64 3.53
CA GLY B 138 11.83 -36.27 2.49
C GLY B 138 10.32 -36.18 2.78
N GLU B 139 9.67 -37.33 2.95
CA GLU B 139 8.27 -37.38 3.34
C GLU B 139 8.05 -37.36 4.84
N ALA B 140 9.06 -37.79 5.62
CA ALA B 140 8.88 -37.94 7.09
C ALA B 140 8.97 -36.60 7.80
N TYR B 141 7.98 -36.31 8.65
CA TYR B 141 8.08 -35.24 9.63
C TYR B 141 8.98 -35.83 10.71
N THR B 142 9.99 -35.06 11.13
CA THR B 142 11.12 -35.62 11.88
C THR B 142 11.44 -34.90 13.18
N ASP B 143 11.15 -33.59 13.27
CA ASP B 143 11.42 -32.82 14.49
C ASP B 143 10.62 -31.49 14.57
N THR B 144 10.65 -30.84 15.73
CA THR B 144 10.13 -29.48 15.91
C THR B 144 10.95 -28.66 16.88
N TYR B 145 10.68 -27.36 16.88
CA TYR B 145 11.34 -26.41 17.77
C TYR B 145 10.31 -25.38 18.25
N HIS B 146 10.32 -25.09 19.55
CA HIS B 146 9.29 -24.26 20.19
C HIS B 146 9.72 -22.81 20.28
N SER B 147 8.71 -21.95 20.40
CA SER B 147 8.90 -20.53 20.50
C SER B 147 9.66 -20.31 21.81
N TYR B 148 10.69 -19.48 21.78
CA TYR B 148 11.46 -19.16 22.97
C TYR B 148 11.17 -17.75 23.48
N ALA B 149 10.52 -16.90 22.67
CA ALA B 149 10.16 -15.55 23.13
C ALA B 149 8.66 -15.29 23.03
N ASN B 150 7.89 -16.30 22.65
CA ASN B 150 6.44 -16.22 22.66
C ASN B 150 5.90 -15.01 21.87
N ASN B 151 6.56 -14.67 20.78
CA ASN B 151 6.11 -13.58 19.93
C ASN B 151 6.50 -13.80 18.47
N ILE B 152 5.65 -14.59 17.80
CA ILE B 152 5.81 -14.99 16.40
C ILE B 152 7.21 -15.54 16.08
N LEU B 153 7.48 -16.75 16.53
CA LEU B 153 8.65 -17.47 16.06
C LEU B 153 8.54 -17.56 14.54
N ARG B 154 9.69 -17.41 13.88
CA ARG B 154 9.79 -17.13 12.44
C ARG B 154 11.10 -17.71 11.93
N THR B 155 11.18 -17.94 10.61
CA THR B 155 12.45 -18.36 9.97
C THR B 155 12.73 -17.52 8.70
N GLN B 156 13.60 -18.02 7.82
CA GLN B 156 14.25 -17.19 6.82
C GLN B 156 13.40 -16.73 5.64
N GLU B 157 12.43 -17.54 5.20
CA GLU B 157 11.75 -17.40 3.90
CA GLU B 157 11.75 -17.33 3.92
C GLU B 157 12.74 -17.45 2.75
N SER B 158 13.79 -18.26 2.95
CA SER B 158 14.75 -18.62 1.91
C SER B 158 15.56 -19.87 2.26
N ALA B 159 16.26 -20.38 1.26
CA ALA B 159 17.08 -21.57 1.35
C ALA B 159 17.92 -21.65 2.62
N CYS B 160 17.82 -22.75 3.35
CA CYS B 160 18.86 -23.14 4.29
C CYS B 160 20.10 -23.61 3.50
N ASN B 161 21.15 -24.04 4.19
CA ASN B 161 22.43 -24.39 3.58
C ASN B 161 23.07 -25.58 4.25
N CYS B 162 23.46 -26.57 3.45
CA CYS B 162 23.91 -27.85 3.99
C CYS B 162 25.37 -28.12 3.61
N ILE B 163 26.12 -28.75 4.51
CA ILE B 163 27.53 -29.10 4.26
C ILE B 163 27.85 -30.40 4.99
N GLY B 164 28.41 -31.38 4.29
CA GLY B 164 28.70 -32.69 4.90
C GLY B 164 27.50 -33.27 5.66
N GLY B 165 26.32 -32.97 5.14
CA GLY B 165 25.05 -33.36 5.74
C GLY B 165 24.52 -32.56 6.93
N ASN B 166 25.19 -31.47 7.31
CA ASN B 166 24.69 -30.59 8.38
C ASN B 166 24.12 -29.34 7.77
N CYS B 167 22.80 -29.17 7.93
CA CYS B 167 22.05 -28.06 7.36
C CYS B 167 21.81 -26.97 8.38
N TYR B 168 22.13 -25.72 8.04
CA TYR B 168 22.06 -24.62 9.00
C TYR B 168 20.91 -23.66 8.70
N LEU B 169 20.28 -23.14 9.75
CA LEU B 169 19.05 -22.38 9.58
C LEU B 169 18.86 -21.31 10.64
N MET B 170 18.61 -20.09 10.19
CA MET B 170 18.24 -18.98 11.08
C MET B 170 16.76 -19.08 11.44
N ILE B 171 16.49 -18.81 12.73
CA ILE B 171 15.17 -18.62 13.26
C ILE B 171 15.23 -17.41 14.19
N THR B 172 14.11 -16.71 14.30
CA THR B 172 14.06 -15.58 15.19
C THR B 172 12.73 -15.60 15.93
N ASP B 173 12.67 -14.88 17.04
CA ASP B 173 11.46 -14.80 17.84
C ASP B 173 11.48 -13.47 18.59
N GLY B 174 10.36 -12.77 18.59
CA GLY B 174 10.23 -11.49 19.28
C GLY B 174 9.35 -10.52 18.55
N SER B 175 9.20 -9.33 19.12
CA SER B 175 8.33 -8.30 18.54
C SER B 175 8.85 -7.80 17.19
N ALA B 176 7.92 -7.60 16.26
CA ALA B 176 8.26 -7.05 14.95
C ALA B 176 8.73 -5.60 15.09
N SER B 177 8.42 -4.99 16.25
CA SER B 177 8.70 -3.58 16.52
C SER B 177 9.68 -3.37 17.66
N GLY B 178 10.31 -4.44 18.14
CA GLY B 178 11.25 -4.35 19.25
C GLY B 178 12.35 -5.39 19.07
N ILE B 179 12.70 -6.07 20.16
CA ILE B 179 13.76 -7.06 20.18
C ILE B 179 13.30 -8.33 19.45
N SER B 180 14.20 -8.88 18.63
CA SER B 180 14.03 -10.22 18.05
C SER B 180 15.40 -10.90 17.91
N GLU B 181 15.84 -11.50 19.00
CA GLU B 181 17.17 -12.14 19.09
CA GLU B 181 17.18 -12.12 19.06
C GLU B 181 17.13 -13.49 18.40
N CYS B 182 17.77 -13.60 17.25
CA CYS B 182 17.73 -14.83 16.47
C CYS B 182 18.63 -15.92 17.11
N ARG B 183 18.44 -17.14 16.62
CA ARG B 183 19.39 -18.25 16.82
C ARG B 183 19.45 -18.99 15.52
N PHE B 184 20.40 -19.90 15.46
CA PHE B 184 20.64 -20.77 14.33
C PHE B 184 20.52 -22.19 14.80
N LEU B 185 19.86 -23.04 14.00
CA LEU B 185 19.81 -24.45 14.31
C LEU B 185 20.72 -25.18 13.32
N LYS B 186 21.26 -26.31 13.78
CA LYS B 186 22.06 -27.22 12.97
C LYS B 186 21.26 -28.54 12.86
N ILE B 187 20.84 -28.88 11.65
CA ILE B 187 19.88 -29.96 11.41
C ILE B 187 20.57 -31.02 10.58
N ARG B 188 20.39 -32.28 10.92
CA ARG B 188 21.08 -33.34 10.20
C ARG B 188 20.06 -34.44 10.01
N GLU B 189 19.85 -34.83 8.75
CA GLU B 189 18.79 -35.77 8.38
C GLU B 189 17.43 -35.46 9.02
N GLY B 190 17.17 -34.16 9.21
CA GLY B 190 15.86 -33.67 9.68
C GLY B 190 15.73 -33.50 11.17
N ARG B 191 16.78 -33.82 11.93
CA ARG B 191 16.74 -33.61 13.38
C ARG B 191 17.74 -32.56 13.85
N ILE B 192 17.33 -31.73 14.82
CA ILE B 192 18.14 -30.62 15.34
C ILE B 192 19.22 -31.23 16.27
N ILE B 193 20.49 -31.14 15.87
CA ILE B 193 21.62 -31.71 16.67
C ILE B 193 22.42 -30.62 17.39
N LYS B 194 22.13 -29.35 17.11
CA LYS B 194 22.74 -28.27 17.90
C LYS B 194 22.01 -26.93 17.71
N GLU B 195 22.05 -26.13 18.78
CA GLU B 195 21.53 -24.77 18.76
C GLU B 195 22.73 -23.84 18.90
N ILE B 196 22.81 -22.86 18.02
CA ILE B 196 23.91 -21.91 18.01
C ILE B 196 23.31 -20.57 18.42
N PHE B 197 23.94 -19.98 19.44
CA PHE B 197 23.51 -18.74 20.07
C PHE B 197 24.54 -17.65 19.70
N PRO B 198 24.19 -16.75 18.77
CA PRO B 198 25.09 -15.71 18.31
C PRO B 198 25.48 -14.69 19.37
N THR B 199 26.64 -14.06 19.19
CA THR B 199 27.14 -13.01 20.06
C THR B 199 27.24 -11.78 19.19
N GLY B 200 27.57 -10.64 19.79
CA GLY B 200 27.69 -9.37 19.06
C GLY B 200 26.38 -8.58 19.01
N ARG B 201 26.13 -7.94 17.87
CA ARG B 201 24.98 -7.05 17.70
C ARG B 201 23.72 -7.89 17.50
N VAL B 202 22.95 -8.09 18.56
CA VAL B 202 21.91 -9.13 18.52
C VAL B 202 20.46 -8.62 18.70
N LYS B 203 20.31 -7.31 18.85
CA LYS B 203 19.01 -6.64 19.13
C LYS B 203 17.81 -7.15 18.30
N HIS B 204 18.01 -7.17 16.98
CA HIS B 204 16.95 -7.55 16.03
C HIS B 204 17.47 -8.08 14.70
N THR B 205 17.23 -9.36 14.48
CA THR B 205 17.68 -10.03 13.28
C THR B 205 16.58 -10.98 12.87
N GLU B 206 16.10 -10.79 11.64
CA GLU B 206 15.11 -11.67 11.05
C GLU B 206 15.31 -11.79 9.56
N GLU B 207 14.61 -12.75 8.97
CA GLU B 207 14.65 -13.01 7.53
C GLU B 207 16.04 -13.01 6.92
N CYS B 208 16.96 -13.70 7.58
CA CYS B 208 18.35 -13.79 7.12
C CYS B 208 18.42 -14.52 5.82
N THR B 209 19.16 -13.95 4.88
CA THR B 209 19.43 -14.53 3.59
C THR B 209 20.90 -14.96 3.67
N CYS B 210 21.15 -16.27 3.61
CA CYS B 210 22.47 -16.85 3.93
C CYS B 210 23.08 -17.68 2.81
N GLY B 211 24.39 -17.74 2.77
CA GLY B 211 25.10 -18.69 1.91
C GLY B 211 26.51 -18.98 2.39
N PHE B 212 27.20 -19.90 1.73
CA PHE B 212 28.57 -20.25 2.10
C PHE B 212 29.56 -19.22 1.55
N ALA B 213 30.39 -18.64 2.41
CA ALA B 213 31.54 -17.88 1.94
C ALA B 213 32.75 -18.82 1.76
N SER B 214 32.70 -19.99 2.39
CA SER B 214 33.77 -21.00 2.28
C SER B 214 33.30 -22.32 2.87
N ASN B 215 34.21 -23.31 2.93
CA ASN B 215 33.96 -24.53 3.70
C ASN B 215 33.91 -24.34 5.23
N LYS B 216 34.42 -23.22 5.73
CA LYS B 216 34.36 -22.88 7.16
C LYS B 216 33.20 -21.98 7.55
N THR B 217 32.78 -21.09 6.65
CA THR B 217 31.94 -19.96 7.05
C THR B 217 30.69 -19.78 6.21
N ILE B 218 29.59 -19.47 6.90
CA ILE B 218 28.32 -19.09 6.30
C ILE B 218 28.13 -17.65 6.67
N GLU B 219 27.69 -16.84 5.71
CA GLU B 219 27.33 -15.43 6.02
C GLU B 219 25.89 -15.18 5.66
N CYS B 220 25.28 -14.17 6.29
CA CYS B 220 23.87 -13.81 6.02
C CYS B 220 23.63 -12.30 6.08
N ALA B 221 22.70 -11.80 5.27
CA ALA B 221 22.32 -10.38 5.28
C ALA B 221 20.88 -10.35 5.73
N CYS B 222 20.64 -9.78 6.91
CA CYS B 222 19.34 -9.97 7.59
C CYS B 222 18.57 -8.67 7.58
N ARG B 223 17.43 -8.65 8.26
CA ARG B 223 16.57 -7.46 8.31
C ARG B 223 16.35 -7.04 9.76
N ASP B 224 16.73 -5.83 10.13
CA ASP B 224 16.31 -5.26 11.40
C ASP B 224 14.99 -4.45 11.14
N ASN B 225 13.88 -4.86 11.74
CA ASN B 225 12.57 -4.28 11.39
C ASN B 225 12.17 -3.04 12.23
N SER B 226 13.01 -2.68 13.20
CA SER B 226 12.69 -1.63 14.14
C SER B 226 13.72 -0.52 14.33
N TYR B 227 15.03 -0.84 14.23
CA TYR B 227 16.10 0.08 14.70
C TYR B 227 17.09 0.68 13.68
N THR B 228 17.23 0.09 12.51
CA THR B 228 18.21 0.58 11.56
C THR B 228 17.89 0.12 10.15
N ALA B 229 18.29 0.96 9.19
CA ALA B 229 18.18 0.64 7.80
C ALA B 229 19.44 -0.12 7.31
N LYS B 230 20.43 -0.31 8.20
CA LYS B 230 21.61 -1.17 7.90
C LYS B 230 21.27 -2.61 8.17
N ARG B 231 21.79 -3.51 7.35
CA ARG B 231 21.47 -4.92 7.48
C ARG B 231 22.39 -5.58 8.50
N PRO B 232 21.80 -6.28 9.49
CA PRO B 232 22.62 -7.13 10.36
C PRO B 232 23.32 -8.19 9.52
N PHE B 233 24.55 -8.55 9.90
CA PHE B 233 25.37 -9.41 9.03
C PHE B 233 25.97 -10.53 9.84
N VAL B 234 25.51 -11.74 9.59
CA VAL B 234 25.91 -12.87 10.39
C VAL B 234 27.15 -13.58 9.82
N LYS B 235 28.15 -13.88 10.64
CA LYS B 235 29.27 -14.74 10.22
C LYS B 235 29.25 -15.95 11.11
N LEU B 236 29.00 -17.12 10.54
CA LEU B 236 28.80 -18.34 11.31
C LEU B 236 29.87 -19.37 10.91
N ASN B 237 30.69 -19.76 11.87
CA ASN B 237 31.73 -20.77 11.64
C ASN B 237 31.15 -22.17 11.77
N VAL B 238 31.22 -22.96 10.71
CA VAL B 238 30.60 -24.28 10.72
C VAL B 238 31.51 -25.41 11.23
N GLU B 239 32.75 -25.05 11.63
CA GLU B 239 33.73 -26.01 12.19
C GLU B 239 33.66 -26.04 13.71
N THR B 240 33.51 -24.85 14.31
CA THR B 240 33.36 -24.68 15.76
C THR B 240 31.91 -24.45 16.19
N ASP B 241 31.00 -24.29 15.22
CA ASP B 241 29.56 -24.02 15.47
C ASP B 241 29.29 -22.82 16.36
N THR B 242 29.78 -21.65 15.93
CA THR B 242 29.75 -20.41 16.69
C THR B 242 29.39 -19.31 15.73
N ALA B 243 28.70 -18.28 16.20
CA ALA B 243 28.16 -17.24 15.32
C ALA B 243 28.27 -15.84 15.94
N GLU B 244 28.66 -14.85 15.14
CA GLU B 244 28.72 -13.47 15.59
C GLU B 244 27.95 -12.58 14.60
N ILE B 245 27.19 -11.61 15.14
CA ILE B 245 26.47 -10.62 14.30
C ILE B 245 27.00 -9.18 14.53
N ARG B 246 27.31 -8.48 13.44
CA ARG B 246 27.48 -7.01 13.44
C ARG B 246 26.75 -6.43 12.25
N LEU B 247 26.35 -5.16 12.32
CA LEU B 247 25.70 -4.50 11.18
C LEU B 247 26.68 -4.28 10.00
N MET B 248 26.17 -4.29 8.78
CA MET B 248 26.96 -3.92 7.59
C MET B 248 27.39 -2.47 7.65
N CYS B 249 28.65 -2.19 7.32
CA CYS B 249 29.19 -0.83 7.49
C CYS B 249 28.93 0.09 6.28
N THR B 250 28.76 -0.51 5.10
CA THR B 250 28.56 0.22 3.84
C THR B 250 27.56 1.41 3.94
N GLU B 251 27.89 2.50 3.24
CA GLU B 251 26.98 3.64 3.12
C GLU B 251 25.80 3.26 2.22
N THR B 252 25.92 2.11 1.53
CA THR B 252 24.84 1.61 0.69
C THR B 252 23.86 0.80 1.54
N TYR B 253 23.01 1.52 2.28
CA TYR B 253 22.01 0.88 3.16
C TYR B 253 21.06 0.06 2.27
N LEU B 254 20.84 -1.20 2.65
CA LEU B 254 20.16 -2.19 1.82
C LEU B 254 18.70 -2.42 2.18
N ASP B 255 18.26 -1.90 3.31
CA ASP B 255 16.87 -2.03 3.74
C ASP B 255 15.98 -0.93 3.14
N THR B 256 14.68 -1.15 3.29
CA THR B 256 13.62 -0.22 2.87
C THR B 256 12.55 -0.33 3.94
N PRO B 257 12.13 0.83 4.51
CA PRO B 257 12.63 2.17 4.18
C PRO B 257 14.08 2.38 4.63
N ARG B 258 14.67 3.47 4.17
CA ARG B 258 16.04 3.85 4.52
C ARG B 258 16.20 5.35 4.20
N PRO B 259 17.22 6.00 4.80
CA PRO B 259 17.57 7.38 4.50
C PRO B 259 18.58 7.39 3.34
N ASP B 260 19.02 8.58 2.90
CA ASP B 260 19.96 8.69 1.79
C ASP B 260 21.28 8.02 2.13
N ASP B 261 21.88 7.34 1.16
CA ASP B 261 23.13 6.64 1.38
C ASP B 261 24.14 7.54 2.08
N GLY B 262 24.80 7.03 3.10
CA GLY B 262 25.85 7.77 3.78
C GLY B 262 25.42 8.84 4.78
N SER B 263 24.13 8.92 5.09
CA SER B 263 23.62 9.93 6.03
C SER B 263 23.51 9.38 7.45
N ILE B 264 23.93 8.12 7.66
CA ILE B 264 24.00 7.61 9.04
C ILE B 264 25.38 7.97 9.56
N THR B 265 25.38 8.89 10.52
CA THR B 265 26.59 9.43 11.14
C THR B 265 26.95 8.53 12.32
N GLY B 266 28.25 8.40 12.61
CA GLY B 266 28.73 7.53 13.68
C GLY B 266 29.54 6.40 13.08
N PRO B 267 30.22 5.59 13.91
CA PRO B 267 31.04 4.50 13.40
C PRO B 267 30.14 3.35 12.93
N CYS B 268 30.74 2.28 12.41
CA CYS B 268 29.99 1.20 11.73
C CYS B 268 28.70 0.72 12.45
N GLU B 269 28.71 0.71 13.77
CA GLU B 269 27.60 0.15 14.49
C GLU B 269 26.42 1.11 14.77
N SER B 270 26.46 2.35 14.32
CA SER B 270 25.38 3.30 14.60
C SER B 270 24.09 2.97 13.87
N ASN B 271 22.94 3.19 14.51
CA ASN B 271 21.63 2.81 13.96
C ASN B 271 21.18 3.64 12.71
N GLY B 272 21.11 4.97 12.72
CA GLY B 272 20.42 5.75 13.70
C GLY B 272 18.99 5.88 13.18
N ASP B 273 18.77 6.73 12.17
CA ASP B 273 17.38 7.12 11.76
C ASP B 273 16.72 6.52 10.49
N LYS B 274 15.43 6.85 10.31
CA LYS B 274 14.51 6.19 9.37
C LYS B 274 14.92 4.74 9.08
N GLY B 275 14.97 3.95 10.16
CA GLY B 275 15.31 2.53 10.10
C GLY B 275 14.23 1.58 10.57
N SER B 276 13.09 2.07 11.04
CA SER B 276 11.96 1.17 11.33
C SER B 276 11.34 0.61 10.04
N GLY B 277 10.68 -0.53 10.16
CA GLY B 277 10.33 -1.31 9.01
C GLY B 277 11.57 -1.99 8.45
N GLY B 278 11.39 -2.57 7.26
CA GLY B 278 12.43 -3.31 6.62
C GLY B 278 11.86 -4.14 5.49
N ILE B 279 12.75 -4.97 4.92
CA ILE B 279 12.41 -5.91 3.89
C ILE B 279 13.50 -7.03 3.81
N LYS B 280 13.09 -8.21 3.37
CA LYS B 280 14.06 -9.28 3.10
C LYS B 280 14.87 -8.87 1.87
N GLY B 281 16.15 -9.20 1.89
CA GLY B 281 17.09 -8.74 0.87
C GLY B 281 17.94 -9.87 0.32
N GLY B 282 18.15 -9.83 -1.01
CA GLY B 282 18.91 -10.83 -1.69
C GLY B 282 20.37 -10.72 -1.30
N PHE B 283 21.04 -11.86 -1.19
CA PHE B 283 22.49 -11.89 -0.91
C PHE B 283 23.02 -13.21 -1.38
N VAL B 284 24.16 -13.19 -2.07
CA VAL B 284 24.79 -14.40 -2.57
C VAL B 284 26.28 -14.27 -2.86
N HIS B 285 26.99 -15.39 -2.71
CA HIS B 285 28.45 -15.42 -2.86
C HIS B 285 28.90 -15.87 -4.24
N GLN B 286 29.86 -15.13 -4.80
CA GLN B 286 30.66 -15.59 -5.92
C GLN B 286 32.01 -15.98 -5.38
N ARG B 287 32.23 -17.27 -5.15
CA ARG B 287 33.46 -17.74 -4.47
C ARG B 287 34.51 -18.10 -5.48
N MET B 288 35.63 -17.39 -5.44
CA MET B 288 36.73 -17.61 -6.38
C MET B 288 37.97 -18.06 -5.65
N ALA B 289 39.03 -18.36 -6.39
CA ALA B 289 40.23 -19.01 -5.81
C ALA B 289 40.95 -18.15 -4.77
N SER B 290 41.23 -16.88 -5.07
CA SER B 290 41.75 -15.96 -4.03
C SER B 290 41.00 -14.63 -3.97
N LYS B 291 39.67 -14.69 -4.10
CA LYS B 291 38.82 -13.52 -4.00
C LYS B 291 37.41 -13.95 -3.65
N ILE B 292 36.62 -13.11 -3.01
CA ILE B 292 35.20 -13.41 -2.85
C ILE B 292 34.34 -12.20 -3.22
N GLY B 293 33.30 -12.44 -4.00
CA GLY B 293 32.35 -11.38 -4.35
C GLY B 293 31.09 -11.48 -3.52
N ARG B 294 30.62 -10.34 -3.05
CA ARG B 294 29.35 -10.33 -2.32
C ARG B 294 28.36 -9.58 -3.17
N TRP B 295 27.29 -10.27 -3.54
CA TRP B 295 26.22 -9.70 -4.34
C TRP B 295 24.98 -9.39 -3.48
N TYR B 296 24.35 -8.25 -3.72
CA TYR B 296 23.23 -7.78 -2.92
C TYR B 296 22.22 -7.05 -3.79
N SER B 297 20.99 -7.00 -3.33
CA SER B 297 19.92 -6.25 -4.00
CA SER B 297 19.93 -6.24 -4.00
C SER B 297 19.19 -5.34 -3.03
N ARG B 298 18.52 -4.31 -3.55
CA ARG B 298 17.70 -3.43 -2.73
C ARG B 298 16.73 -2.65 -3.59
N THR B 299 15.63 -2.18 -3.02
CA THR B 299 14.66 -1.42 -3.81
C THR B 299 15.31 -0.19 -4.45
N MET B 300 14.79 0.21 -5.61
CA MET B 300 15.18 1.46 -6.26
C MET B 300 14.66 2.65 -5.44
N SER B 301 13.42 2.55 -4.91
CA SER B 301 12.87 3.63 -4.08
C SER B 301 13.40 3.48 -2.65
N LYS B 302 13.73 4.60 -2.01
CA LYS B 302 14.27 4.56 -0.65
C LYS B 302 13.21 4.19 0.40
N THR B 303 11.95 4.45 0.08
CA THR B 303 10.82 4.31 1.00
C THR B 303 9.91 3.16 0.61
N LYS B 304 9.58 3.07 -0.69
CA LYS B 304 8.57 2.15 -1.18
C LYS B 304 9.18 0.89 -1.77
N ARG B 305 8.35 -0.14 -1.84
CA ARG B 305 8.71 -1.45 -2.36
C ARG B 305 8.52 -1.45 -3.86
N MET B 306 9.33 -0.59 -4.50
CA MET B 306 9.30 -0.34 -5.93
C MET B 306 10.72 -0.43 -6.44
N GLY B 307 10.88 -1.15 -7.54
CA GLY B 307 12.17 -1.34 -8.16
C GLY B 307 13.06 -2.32 -7.41
N MET B 308 14.18 -2.67 -8.03
CA MET B 308 15.21 -3.49 -7.38
C MET B 308 16.50 -3.37 -8.16
N GLY B 309 17.50 -2.74 -7.55
CA GLY B 309 18.86 -2.67 -8.11
C GLY B 309 19.73 -3.79 -7.57
N LEU B 310 20.75 -4.18 -8.31
CA LEU B 310 21.76 -5.20 -7.90
C LEU B 310 23.08 -4.53 -7.65
N TYR B 311 23.75 -4.94 -6.56
CA TYR B 311 25.03 -4.37 -6.14
C TYR B 311 26.11 -5.46 -5.80
N VAL B 312 27.39 -5.09 -5.90
CA VAL B 312 28.49 -6.02 -5.66
C VAL B 312 29.71 -5.34 -5.02
N LYS B 313 30.43 -6.11 -4.17
CA LYS B 313 31.76 -5.77 -3.69
C LYS B 313 32.64 -7.02 -3.51
N TYR B 314 33.92 -6.88 -3.79
CA TYR B 314 34.82 -8.01 -3.69
C TYR B 314 35.73 -7.90 -2.48
N ASP B 315 35.75 -8.92 -1.65
CA ASP B 315 36.53 -8.90 -0.39
C ASP B 315 36.24 -7.71 0.54
N GLY B 316 37.19 -7.40 1.42
CA GLY B 316 36.94 -6.55 2.59
C GLY B 316 36.23 -7.36 3.67
N ASP B 317 36.02 -6.73 4.83
CA ASP B 317 35.14 -7.26 5.88
C ASP B 317 33.88 -6.36 5.94
N PRO B 318 32.67 -6.93 5.65
CA PRO B 318 31.48 -6.03 5.58
C PRO B 318 31.11 -5.35 6.92
N TRP B 319 31.64 -5.92 8.02
CA TRP B 319 31.46 -5.35 9.35
C TRP B 319 32.16 -4.02 9.51
N THR B 320 33.25 -3.83 8.78
CA THR B 320 34.06 -2.63 9.00
C THR B 320 34.28 -1.75 7.77
N ASP B 321 33.98 -2.22 6.56
CA ASP B 321 34.25 -1.42 5.36
C ASP B 321 33.08 -0.50 4.98
N SER B 322 33.25 0.80 5.12
CA SER B 322 32.14 1.76 4.86
C SER B 322 31.92 2.11 3.39
N ASP B 323 32.80 1.68 2.50
CA ASP B 323 32.71 2.04 1.09
C ASP B 323 31.44 1.53 0.44
N ALA B 324 30.90 2.32 -0.48
CA ALA B 324 29.76 1.96 -1.30
C ALA B 324 29.95 0.62 -1.97
N LEU B 325 28.85 -0.13 -2.05
CA LEU B 325 28.72 -1.23 -2.98
C LEU B 325 28.67 -0.67 -4.39
N ALA B 326 29.08 -1.45 -5.38
CA ALA B 326 29.03 -1.06 -6.79
C ALA B 326 27.68 -1.45 -7.43
N LEU B 327 26.93 -0.46 -7.93
CA LEU B 327 25.71 -0.73 -8.72
C LEU B 327 26.12 -1.50 -9.97
N SER B 328 25.61 -2.72 -10.10
CA SER B 328 25.77 -3.51 -11.33
C SER B 328 24.67 -3.16 -12.34
N GLY B 329 23.44 -3.10 -11.87
CA GLY B 329 22.35 -2.65 -12.73
C GLY B 329 21.00 -2.79 -12.10
N VAL B 330 20.00 -2.29 -12.84
CA VAL B 330 18.64 -2.21 -12.37
C VAL B 330 17.90 -3.45 -12.86
N MET B 331 17.45 -4.28 -11.91
CA MET B 331 16.81 -5.53 -12.23
C MET B 331 15.32 -5.30 -12.43
N VAL B 332 14.76 -4.44 -11.61
CA VAL B 332 13.35 -4.06 -11.70
C VAL B 332 13.23 -2.55 -11.66
N SER B 333 12.58 -1.99 -12.67
CA SER B 333 12.35 -0.55 -12.75
C SER B 333 11.46 0.00 -11.64
N MET B 334 11.66 1.26 -11.33
CA MET B 334 10.93 1.98 -10.29
C MET B 334 9.42 2.00 -10.47
N GLU B 335 8.95 1.83 -11.71
CA GLU B 335 7.51 1.80 -11.97
C GLU B 335 6.90 0.46 -11.61
N GLU B 336 7.75 -0.52 -11.28
CA GLU B 336 7.32 -1.89 -11.01
C GLU B 336 7.54 -2.31 -9.55
N PRO B 337 6.74 -3.26 -9.06
CA PRO B 337 6.86 -3.65 -7.66
C PRO B 337 8.14 -4.47 -7.37
N GLY B 338 8.76 -4.13 -6.26
CA GLY B 338 9.94 -4.83 -5.76
C GLY B 338 9.81 -5.10 -4.28
N TRP B 339 9.53 -6.35 -3.92
CA TRP B 339 9.32 -6.72 -2.53
C TRP B 339 10.50 -7.59 -2.08
N TYR B 340 10.24 -8.73 -1.48
CA TYR B 340 11.31 -9.53 -0.90
C TYR B 340 12.28 -9.95 -1.96
N SER B 341 13.53 -10.19 -1.57
CA SER B 341 14.51 -10.80 -2.47
C SER B 341 15.37 -11.79 -1.73
N PHE B 342 16.04 -12.66 -2.47
CA PHE B 342 16.76 -13.77 -1.86
C PHE B 342 17.87 -14.27 -2.76
N GLY B 343 18.81 -15.01 -2.17
CA GLY B 343 19.88 -15.65 -2.92
C GLY B 343 19.69 -17.15 -3.03
N PHE B 344 20.29 -17.73 -4.08
CA PHE B 344 20.44 -19.16 -4.18
C PHE B 344 21.51 -19.49 -5.18
N GLU B 345 21.91 -20.75 -5.20
CA GLU B 345 22.96 -21.23 -6.08
C GLU B 345 22.54 -22.46 -6.85
N ILE B 346 22.77 -22.47 -8.17
CA ILE B 346 22.56 -23.67 -8.99
C ILE B 346 23.87 -24.47 -9.11
N LYS B 347 23.76 -25.79 -9.11
CA LYS B 347 24.91 -26.67 -9.28
C LYS B 347 25.08 -27.06 -10.76
N ASP B 348 26.18 -26.60 -11.36
CA ASP B 348 26.61 -27.04 -12.67
C ASP B 348 27.57 -28.23 -12.42
N LYS B 349 28.19 -28.73 -13.47
CA LYS B 349 28.90 -30.00 -13.43
C LYS B 349 30.08 -29.95 -12.46
N LYS B 350 30.86 -28.88 -12.53
CA LYS B 350 32.06 -28.71 -11.69
C LYS B 350 32.10 -27.42 -10.84
N CYS B 351 31.08 -26.57 -10.93
CA CYS B 351 31.06 -25.29 -10.22
C CYS B 351 29.63 -24.83 -9.89
N ASP B 352 29.48 -23.92 -8.92
CA ASP B 352 28.16 -23.40 -8.46
C ASP B 352 27.84 -22.05 -9.11
N VAL B 353 26.59 -21.85 -9.58
CA VAL B 353 26.19 -20.58 -10.19
C VAL B 353 25.33 -19.70 -9.29
N PRO B 354 25.89 -18.57 -8.81
CA PRO B 354 25.15 -17.69 -7.92
C PRO B 354 24.01 -16.91 -8.59
N CYS B 355 22.89 -16.76 -7.87
CA CYS B 355 21.69 -16.13 -8.39
C CYS B 355 20.91 -15.34 -7.35
N ILE B 356 20.11 -14.37 -7.78
CA ILE B 356 19.24 -13.58 -6.90
C ILE B 356 17.84 -13.62 -7.42
N GLY B 357 16.87 -13.92 -6.56
CA GLY B 357 15.46 -13.94 -6.95
C GLY B 357 14.73 -12.73 -6.40
N ILE B 358 13.61 -12.33 -7.02
CA ILE B 358 12.90 -11.10 -6.62
C ILE B 358 11.38 -11.26 -6.62
N GLU B 359 10.79 -11.05 -5.45
CA GLU B 359 9.34 -11.14 -5.29
C GLU B 359 8.76 -9.84 -5.81
N MET B 360 7.85 -9.93 -6.77
CA MET B 360 7.14 -8.76 -7.33
C MET B 360 5.63 -8.82 -6.98
N VAL B 361 5.23 -8.15 -5.92
CA VAL B 361 3.89 -8.36 -5.39
C VAL B 361 2.88 -7.50 -6.17
N HIS B 362 1.75 -8.12 -6.56
CA HIS B 362 0.57 -7.40 -7.12
C HIS B 362 -0.26 -6.92 -5.92
N ASP B 363 -0.05 -5.66 -5.54
CA ASP B 363 -0.76 -5.12 -4.40
C ASP B 363 -1.84 -4.11 -4.81
N GLY B 364 -3.09 -4.40 -4.50
CA GLY B 364 -4.17 -3.42 -4.69
C GLY B 364 -4.84 -3.08 -3.38
N GLY B 365 -4.16 -3.37 -2.27
CA GLY B 365 -4.76 -3.24 -0.94
C GLY B 365 -5.48 -4.50 -0.53
N LYS B 366 -6.03 -4.52 0.68
CA LYS B 366 -6.69 -5.72 1.23
C LYS B 366 -8.06 -6.09 0.65
N GLU B 367 -8.63 -5.24 -0.20
CA GLU B 367 -9.99 -5.44 -0.74
C GLU B 367 -10.03 -6.14 -2.11
N THR B 368 -8.88 -6.59 -2.61
CA THR B 368 -8.80 -7.63 -3.66
C THR B 368 -7.63 -8.59 -3.40
N TRP B 369 -7.32 -9.36 -4.43
CA TRP B 369 -6.32 -10.39 -4.34
C TRP B 369 -4.94 -9.80 -4.18
N HIS B 370 -4.08 -10.57 -3.53
CA HIS B 370 -2.70 -10.21 -3.20
C HIS B 370 -1.83 -11.44 -3.46
N SER B 371 -0.96 -11.37 -4.45
CA SER B 371 -0.03 -12.45 -4.73
C SER B 371 1.26 -11.86 -5.36
N ALA B 372 2.11 -12.70 -5.92
CA ALA B 372 3.41 -12.22 -6.45
C ALA B 372 3.92 -12.98 -7.66
N ALA B 373 4.61 -12.26 -8.53
CA ALA B 373 5.54 -12.84 -9.48
C ALA B 373 6.92 -13.13 -8.83
N THR B 374 7.72 -14.01 -9.43
CA THR B 374 9.15 -14.14 -9.12
C THR B 374 10.05 -13.86 -10.35
N ALA B 375 11.07 -13.00 -10.20
CA ALA B 375 12.11 -12.77 -11.23
C ALA B 375 13.46 -13.35 -10.79
N ILE B 376 14.19 -14.02 -11.68
CA ILE B 376 15.54 -14.49 -11.35
C ILE B 376 16.60 -13.79 -12.19
N TYR B 377 17.73 -13.46 -11.55
CA TYR B 377 18.98 -13.05 -12.20
C TYR B 377 20.12 -13.95 -11.70
N CYS B 378 21.12 -14.18 -12.54
CA CYS B 378 22.21 -15.09 -12.21
C CYS B 378 23.51 -14.61 -12.85
N LEU B 379 24.63 -14.95 -12.20
CA LEU B 379 25.96 -14.67 -12.75
C LEU B 379 25.96 -15.38 -14.10
N MET B 380 26.31 -14.66 -15.15
CA MET B 380 26.51 -15.28 -16.45
C MET B 380 27.22 -14.35 -17.43
N GLY B 381 28.38 -14.84 -17.89
CA GLY B 381 29.24 -14.11 -18.78
C GLY B 381 29.86 -12.85 -18.21
N SER B 382 30.26 -12.00 -19.13
CA SER B 382 30.94 -10.77 -18.80
C SER B 382 30.13 -9.54 -19.21
N GLY B 383 30.64 -8.36 -18.86
CA GLY B 383 30.00 -7.12 -19.23
C GLY B 383 29.09 -6.47 -18.19
N GLN B 384 28.10 -5.75 -18.70
CA GLN B 384 27.08 -5.03 -17.91
C GLN B 384 25.80 -5.85 -17.86
N LEU B 385 25.04 -5.74 -16.77
CA LEU B 385 23.64 -6.19 -16.70
C LEU B 385 22.78 -5.39 -17.69
N LEU B 386 21.95 -6.10 -18.46
CA LEU B 386 21.35 -5.50 -19.64
C LEU B 386 19.84 -5.20 -19.60
N TRP B 387 19.01 -6.07 -19.04
CA TRP B 387 17.56 -5.80 -19.06
C TRP B 387 16.87 -5.94 -17.70
N ASP B 388 15.75 -5.21 -17.62
CA ASP B 388 14.90 -5.16 -16.45
C ASP B 388 13.65 -6.09 -16.57
N THR B 389 12.97 -6.40 -15.44
CA THR B 389 11.77 -7.27 -15.48
C THR B 389 10.45 -6.56 -15.13
N VAL B 390 9.39 -6.80 -15.90
CA VAL B 390 8.05 -6.30 -15.55
C VAL B 390 7.19 -7.54 -15.27
N THR B 391 6.06 -7.42 -14.57
CA THR B 391 5.25 -8.64 -14.28
C THR B 391 4.26 -8.94 -15.39
N GLY B 392 3.99 -7.94 -16.22
CA GLY B 392 2.98 -8.02 -17.25
C GLY B 392 1.52 -8.07 -16.78
N VAL B 393 1.23 -7.96 -15.50
CA VAL B 393 -0.12 -8.26 -14.99
C VAL B 393 -0.99 -7.00 -14.78
N ASP B 394 -2.23 -7.00 -15.25
CA ASP B 394 -3.25 -5.96 -14.97
C ASP B 394 -4.19 -6.59 -13.97
N MET B 395 -4.23 -6.09 -12.74
CA MET B 395 -4.90 -6.78 -11.62
C MET B 395 -6.46 -6.79 -11.70
N ALA B 396 -7.03 -6.09 -12.68
CA ALA B 396 -8.52 -6.01 -12.83
C ALA B 396 -9.07 -7.11 -13.75
N LEU B 397 -8.19 -7.84 -14.43
CA LEU B 397 -8.65 -8.85 -15.37
C LEU B 397 -9.01 -10.12 -14.62
#